data_1LTD
#
_entry.id   1LTD
#
_cell.length_a   164.500
_cell.length_b   164.500
_cell.length_c   114.000
_cell.angle_alpha   90.00
_cell.angle_beta   90.00
_cell.angle_gamma   120.00
#
_symmetry.space_group_name_H-M   'P 32 2 1'
#
loop_
_entity.id
_entity.type
_entity.pdbx_description
1 polymer 'FLAVOCYTOCHROME B2'
2 non-polymer 'SULFITE ION'
3 non-polymer 'FLAVIN MONONUCLEOTIDE'
4 non-polymer 'PROTOPORPHYRIN IX CONTAINING FE'
5 water water
#
_entity_poly.entity_id   1
_entity_poly.type   'polypeptide(L)'
_entity_poly.pdbx_seq_one_letter_code
;MNKQKISPAEVAKHNKPDDCWVVINGYVYDLTRFLPNHPGGQDVIKFNAGKDVTAIFEPLHAPNVIDKYIAPEKKLGPLQ
GSMPPELVCPPYAPGETKEDIARKEQLKSLLPPLDNIINLYDFEYLASQTLTKQAWAYYSSGANDEVTHRENHNAYHRIF
FKPKILVDVRKVDISTDMLGSHVDVPFYVSATALCKLGNPLEGEKDVARGCGQGVTKVPQMISTLASCSPEEIIEAAPSD
KQIQWYQLYVNSDRKITDDLVKNVEKLGVKALFVTVDAPSLGQREKDMKLKFSNTKAGPKAMKKTNVEESQGASRALSKF
IDPSLTWKDIEELKKKTKLPIVIKGVQRTEDVIKAAEIGVSGVVLSNHGGRQLDFSRAPIEVLAETMPILEQRNLKDKLE
VFVDGGVRRGTDVLKALCLGAKGVGLGRPFLYANSCYGRNGVEKAIEILRDEIEMSMRLLGVTSIAELKPDLLDLSTLKA
RTVGVPNDVLYNEVYEGPTLTEFEDA
;
_entity_poly.pdbx_strand_id   A,B
#
loop_
_chem_comp.id
_chem_comp.type
_chem_comp.name
_chem_comp.formula
FMN non-polymer 'FLAVIN MONONUCLEOTIDE' 'C17 H21 N4 O9 P'
HEM non-polymer 'PROTOPORPHYRIN IX CONTAINING FE' 'C34 H32 Fe N4 O4'
SO3 non-polymer 'SULFITE ION' 'O3 S -2'
#
# COMPACT_ATOMS: atom_id res chain seq x y z
N LYS A 5 -37.50 41.35 -21.57
CA LYS A 5 -38.70 40.59 -21.28
C LYS A 5 -38.65 39.57 -22.41
N ILE A 6 -38.92 38.29 -22.25
CA ILE A 6 -38.85 37.38 -23.36
C ILE A 6 -39.95 36.42 -23.01
N SER A 7 -40.77 36.10 -23.98
CA SER A 7 -41.85 35.19 -23.73
C SER A 7 -41.43 33.72 -23.83
N PRO A 8 -41.75 32.93 -22.80
CA PRO A 8 -41.60 31.48 -22.75
C PRO A 8 -41.79 30.80 -24.08
N ALA A 9 -42.85 31.23 -24.78
CA ALA A 9 -43.21 30.72 -26.09
C ALA A 9 -42.10 30.82 -27.16
N GLU A 10 -41.60 32.06 -27.30
CA GLU A 10 -40.53 32.39 -28.23
C GLU A 10 -39.29 31.57 -27.89
N VAL A 11 -38.96 31.55 -26.59
CA VAL A 11 -37.83 30.79 -26.06
C VAL A 11 -37.91 29.35 -26.47
N ALA A 12 -38.81 28.58 -25.82
CA ALA A 12 -38.94 27.13 -25.94
C ALA A 12 -38.77 26.61 -27.35
N LYS A 13 -39.34 27.40 -28.27
CA LYS A 13 -39.25 27.21 -29.70
C LYS A 13 -37.95 26.67 -30.26
N HIS A 14 -36.85 27.30 -29.82
CA HIS A 14 -35.52 27.05 -30.36
C HIS A 14 -34.84 25.87 -29.65
N ASN A 15 -35.53 24.77 -29.43
CA ASN A 15 -34.91 23.65 -28.79
C ASN A 15 -34.18 22.78 -29.79
N LYS A 16 -33.25 23.35 -30.55
CA LYS A 16 -32.57 22.56 -31.56
C LYS A 16 -31.07 22.86 -31.60
N PRO A 17 -30.25 21.81 -31.80
CA PRO A 17 -28.80 21.87 -31.90
C PRO A 17 -28.13 23.09 -32.53
N ASP A 18 -28.67 23.74 -33.57
CA ASP A 18 -27.91 24.85 -34.15
C ASP A 18 -28.56 26.18 -33.81
N ASP A 19 -29.11 26.21 -32.60
CA ASP A 19 -29.88 27.36 -32.15
C ASP A 19 -30.21 27.21 -30.66
N CYS A 20 -29.24 26.78 -29.85
CA CYS A 20 -29.55 26.53 -28.47
C CYS A 20 -29.92 27.80 -27.68
N TRP A 21 -31.19 27.91 -27.30
CA TRP A 21 -31.66 28.98 -26.40
C TRP A 21 -32.01 28.29 -25.10
N VAL A 22 -31.50 28.72 -23.94
CA VAL A 22 -31.75 28.01 -22.67
C VAL A 22 -31.97 29.09 -21.61
N VAL A 23 -32.68 28.70 -20.54
CA VAL A 23 -32.89 29.60 -19.42
C VAL A 23 -32.34 29.04 -18.12
N ILE A 24 -31.55 29.90 -17.50
CA ILE A 24 -30.93 29.62 -16.22
C ILE A 24 -31.14 30.84 -15.31
N ASN A 25 -31.72 30.59 -14.14
CA ASN A 25 -32.05 31.59 -13.13
C ASN A 25 -32.75 32.83 -13.66
N GLY A 26 -33.86 32.55 -14.31
CA GLY A 26 -34.71 33.60 -14.89
C GLY A 26 -34.01 34.46 -15.92
N TYR A 27 -33.20 33.82 -16.75
CA TYR A 27 -32.50 34.54 -17.79
C TYR A 27 -32.22 33.60 -18.95
N VAL A 28 -32.53 34.16 -20.11
CA VAL A 28 -32.39 33.51 -21.40
C VAL A 28 -30.95 33.76 -21.87
N TYR A 29 -30.31 32.69 -22.39
CA TYR A 29 -28.97 32.78 -22.98
C TYR A 29 -28.94 32.10 -24.35
N ASP A 30 -28.26 32.74 -25.33
CA ASP A 30 -28.06 32.12 -26.62
C ASP A 30 -26.77 31.31 -26.55
N LEU A 31 -26.98 30.01 -26.41
CA LEU A 31 -25.88 29.09 -26.20
C LEU A 31 -25.45 28.35 -27.44
N THR A 32 -25.86 28.88 -28.60
CA THR A 32 -25.60 28.20 -29.85
C THR A 32 -24.10 28.12 -30.10
N ARG A 33 -23.41 29.26 -30.24
CA ARG A 33 -21.97 29.32 -30.43
C ARG A 33 -21.17 28.49 -29.41
N PHE A 34 -21.78 28.43 -28.21
CA PHE A 34 -21.17 27.80 -27.07
C PHE A 34 -21.23 26.29 -27.07
N LEU A 35 -22.35 25.57 -27.27
CA LEU A 35 -22.25 24.16 -26.90
C LEU A 35 -21.21 23.23 -27.45
N PRO A 36 -20.58 23.32 -28.62
CA PRO A 36 -19.54 22.35 -28.96
C PRO A 36 -18.29 22.55 -28.11
N ASN A 37 -18.27 23.59 -27.24
CA ASN A 37 -17.10 23.91 -26.43
C ASN A 37 -17.32 23.92 -24.91
N HIS A 38 -18.48 23.35 -24.57
CA HIS A 38 -18.91 23.11 -23.21
C HIS A 38 -18.03 21.98 -22.70
N PRO A 39 -17.27 22.13 -21.60
CA PRO A 39 -16.31 21.15 -21.14
C PRO A 39 -16.95 19.82 -20.81
N GLY A 40 -18.12 19.84 -20.14
CA GLY A 40 -18.81 18.60 -19.82
C GLY A 40 -19.68 18.09 -20.99
N GLY A 41 -19.10 17.94 -22.20
CA GLY A 41 -19.78 17.48 -23.40
C GLY A 41 -20.94 18.36 -23.88
N GLN A 42 -21.13 18.49 -25.19
CA GLN A 42 -22.24 19.29 -25.66
C GLN A 42 -23.62 18.62 -25.53
N ASP A 43 -23.65 17.30 -25.24
CA ASP A 43 -24.90 16.58 -25.19
C ASP A 43 -25.91 17.14 -24.22
N VAL A 44 -25.46 17.44 -23.00
CA VAL A 44 -26.33 18.04 -21.98
C VAL A 44 -27.02 19.33 -22.47
N ILE A 45 -26.27 20.27 -23.05
CA ILE A 45 -26.85 21.52 -23.46
C ILE A 45 -27.82 21.35 -24.63
N LYS A 46 -27.37 20.53 -25.58
CA LYS A 46 -28.15 20.15 -26.77
C LYS A 46 -29.54 19.64 -26.36
N PHE A 47 -29.57 18.55 -25.60
CA PHE A 47 -30.80 17.96 -25.12
C PHE A 47 -31.68 18.94 -24.36
N ASN A 48 -31.11 19.74 -23.47
CA ASN A 48 -31.96 20.58 -22.65
C ASN A 48 -32.15 21.96 -23.21
N ALA A 49 -31.79 22.16 -24.48
CA ALA A 49 -32.04 23.43 -25.11
C ALA A 49 -33.54 23.66 -25.17
N GLY A 50 -33.97 24.91 -25.13
CA GLY A 50 -35.38 25.25 -25.19
C GLY A 50 -36.07 25.05 -23.85
N LYS A 51 -35.31 24.71 -22.78
CA LYS A 51 -35.86 24.62 -21.44
C LYS A 51 -35.17 25.56 -20.43
N ASP A 52 -35.77 25.54 -19.25
CA ASP A 52 -35.20 26.21 -18.10
C ASP A 52 -34.47 25.05 -17.46
N VAL A 53 -33.15 25.17 -17.58
CA VAL A 53 -32.22 24.16 -17.13
C VAL A 53 -31.62 24.41 -15.74
N THR A 54 -31.89 25.54 -15.07
CA THR A 54 -31.29 25.86 -13.77
C THR A 54 -31.07 24.72 -12.79
N ALA A 55 -31.88 23.67 -12.65
CA ALA A 55 -31.54 22.66 -11.68
C ALA A 55 -30.37 21.80 -12.08
N ILE A 56 -30.16 21.60 -13.38
CA ILE A 56 -28.95 20.95 -13.90
C ILE A 56 -27.79 21.93 -13.64
N PHE A 57 -28.01 23.20 -13.98
CA PHE A 57 -26.95 24.18 -13.96
C PHE A 57 -26.49 24.60 -12.61
N GLU A 58 -27.31 25.36 -11.87
CA GLU A 58 -26.97 25.97 -10.59
C GLU A 58 -26.08 25.11 -9.71
N PRO A 59 -26.33 23.82 -9.40
CA PRO A 59 -25.53 23.03 -8.48
C PRO A 59 -24.25 22.42 -9.00
N LEU A 60 -23.76 22.70 -10.20
CA LEU A 60 -22.53 22.09 -10.64
C LEU A 60 -21.49 23.05 -11.17
N HIS A 61 -21.67 24.37 -11.05
CA HIS A 61 -20.71 25.27 -11.68
C HIS A 61 -20.16 26.29 -10.71
N ALA A 62 -19.00 26.79 -11.03
CA ALA A 62 -18.40 27.86 -10.26
C ALA A 62 -19.30 29.08 -10.42
N PRO A 63 -19.50 29.94 -9.43
CA PRO A 63 -20.40 31.08 -9.55
C PRO A 63 -20.03 32.09 -10.64
N ASN A 64 -18.80 32.08 -11.07
CA ASN A 64 -18.28 33.05 -12.03
C ASN A 64 -18.37 32.61 -13.51
N VAL A 65 -18.86 31.43 -13.90
CA VAL A 65 -18.67 30.95 -15.28
C VAL A 65 -19.46 31.57 -16.45
N ILE A 66 -20.72 31.96 -16.27
CA ILE A 66 -21.49 32.56 -17.35
C ILE A 66 -20.82 33.89 -17.69
N ASP A 67 -20.50 34.69 -16.66
CA ASP A 67 -19.76 35.94 -16.84
C ASP A 67 -18.39 35.75 -17.45
N LYS A 68 -17.70 34.66 -17.13
CA LYS A 68 -16.37 34.54 -17.65
C LYS A 68 -16.32 33.93 -19.04
N TYR A 69 -17.25 33.06 -19.44
CA TYR A 69 -17.05 32.40 -20.73
C TYR A 69 -17.88 32.82 -21.92
N ILE A 70 -19.06 33.37 -21.64
CA ILE A 70 -19.99 33.75 -22.69
C ILE A 70 -19.87 35.23 -23.06
N ALA A 71 -19.87 35.46 -24.38
CA ALA A 71 -19.78 36.84 -24.88
C ALA A 71 -20.98 37.64 -24.33
N PRO A 72 -20.74 38.88 -23.90
CA PRO A 72 -21.66 39.65 -23.10
C PRO A 72 -23.00 39.79 -23.80
N GLU A 73 -22.94 39.89 -25.13
CA GLU A 73 -24.17 40.07 -25.87
C GLU A 73 -24.94 38.77 -26.19
N LYS A 74 -24.57 37.66 -25.53
CA LYS A 74 -25.26 36.38 -25.66
C LYS A 74 -26.20 36.12 -24.49
N LYS A 75 -25.99 36.91 -23.41
CA LYS A 75 -26.81 36.89 -22.18
C LYS A 75 -27.98 37.67 -22.73
N LEU A 76 -29.00 36.90 -23.13
CA LEU A 76 -30.04 37.54 -23.89
C LEU A 76 -30.89 38.50 -23.08
N GLY A 77 -31.79 37.99 -22.24
CA GLY A 77 -32.63 38.86 -21.46
C GLY A 77 -33.42 38.06 -20.45
N PRO A 78 -34.16 38.74 -19.58
CA PRO A 78 -35.17 38.14 -18.69
C PRO A 78 -36.29 37.30 -19.30
N LEU A 79 -36.48 36.09 -18.78
CA LEU A 79 -37.58 35.24 -19.19
C LEU A 79 -38.80 35.72 -18.40
N GLN A 80 -39.93 35.89 -19.10
CA GLN A 80 -41.19 36.37 -18.53
C GLN A 80 -41.92 35.34 -17.66
N GLY A 81 -41.76 35.54 -16.34
CA GLY A 81 -42.38 34.71 -15.34
C GLY A 81 -41.71 33.35 -15.21
N SER A 82 -42.05 32.35 -16.04
CA SER A 82 -41.55 30.99 -15.87
C SER A 82 -41.85 30.13 -17.08
N MET A 83 -41.16 28.99 -17.13
CA MET A 83 -41.36 28.02 -18.18
C MET A 83 -42.67 27.23 -17.98
N PRO A 84 -43.19 26.59 -19.03
CA PRO A 84 -43.98 25.38 -18.93
C PRO A 84 -43.36 24.41 -17.93
N PRO A 85 -44.18 23.83 -17.07
CA PRO A 85 -43.78 22.91 -16.02
C PRO A 85 -42.97 21.67 -16.41
N GLU A 86 -43.19 21.20 -17.63
CA GLU A 86 -42.35 20.09 -18.06
C GLU A 86 -41.21 20.59 -18.92
N LEU A 87 -40.89 21.88 -18.80
CA LEU A 87 -39.74 22.45 -19.46
C LEU A 87 -38.73 22.96 -18.41
N VAL A 88 -38.90 22.64 -17.13
CA VAL A 88 -37.92 23.01 -16.15
C VAL A 88 -37.30 21.66 -15.79
N CYS A 89 -35.99 21.67 -15.97
CA CYS A 89 -35.18 20.48 -15.86
C CYS A 89 -34.90 20.15 -14.40
N PRO A 90 -35.15 18.91 -14.01
CA PRO A 90 -34.90 18.40 -12.68
C PRO A 90 -33.43 17.99 -12.51
N PRO A 91 -32.87 17.88 -11.28
CA PRO A 91 -31.46 17.69 -11.07
C PRO A 91 -30.96 16.43 -11.72
N TYR A 92 -29.89 16.68 -12.43
CA TYR A 92 -29.22 15.65 -13.20
C TYR A 92 -28.64 14.53 -12.32
N ALA A 93 -29.26 13.34 -12.38
CA ALA A 93 -28.60 12.16 -11.81
C ALA A 93 -28.81 10.95 -12.76
N PRO A 94 -28.08 10.89 -13.87
CA PRO A 94 -28.30 9.88 -14.89
C PRO A 94 -28.18 8.50 -14.30
N GLY A 95 -29.14 7.65 -14.61
CA GLY A 95 -29.12 6.27 -14.19
C GLY A 95 -29.47 6.03 -12.74
N GLU A 96 -29.71 7.10 -11.98
CA GLU A 96 -29.97 6.93 -10.57
C GLU A 96 -31.47 6.72 -10.50
N THR A 97 -31.92 5.68 -9.82
CA THR A 97 -33.35 5.44 -9.64
C THR A 97 -33.84 6.37 -8.54
N LYS A 98 -34.85 6.01 -7.74
CA LYS A 98 -35.17 6.78 -6.54
C LYS A 98 -34.15 6.50 -5.41
N GLU A 99 -33.14 5.66 -5.76
CA GLU A 99 -31.97 5.24 -4.96
C GLU A 99 -31.45 6.28 -4.05
N ASP A 100 -31.56 7.53 -4.50
CA ASP A 100 -31.18 8.68 -3.73
C ASP A 100 -31.55 8.53 -2.27
N ILE A 101 -32.70 8.00 -1.91
CA ILE A 101 -32.92 7.78 -0.50
C ILE A 101 -32.24 6.53 -0.01
N ALA A 102 -32.19 5.38 -0.66
CA ALA A 102 -31.48 4.24 -0.04
C ALA A 102 -29.97 4.52 0.21
N ARG A 103 -29.40 5.34 -0.66
CA ARG A 103 -28.02 5.75 -0.53
C ARG A 103 -27.99 6.86 0.50
N LYS A 104 -29.09 7.55 0.79
CA LYS A 104 -29.04 8.52 1.86
C LYS A 104 -29.22 7.87 3.21
N GLU A 105 -29.82 6.68 3.36
CA GLU A 105 -29.84 6.04 4.67
C GLU A 105 -28.46 5.45 4.87
N GLN A 106 -27.95 4.88 3.76
CA GLN A 106 -26.61 4.35 3.64
C GLN A 106 -25.59 5.32 4.18
N LEU A 107 -25.65 6.58 3.76
CA LEU A 107 -24.71 7.53 4.27
C LEU A 107 -25.16 8.09 5.59
N LYS A 108 -26.42 8.40 5.82
CA LYS A 108 -26.84 8.98 7.08
C LYS A 108 -26.59 8.01 8.22
N SER A 109 -25.48 8.46 8.77
CA SER A 109 -24.91 7.93 9.98
C SER A 109 -24.71 6.42 10.03
N LEU A 110 -25.13 5.59 9.04
CA LEU A 110 -24.64 4.25 9.08
C LEU A 110 -23.19 4.38 8.61
N LEU A 111 -22.74 5.57 8.15
CA LEU A 111 -21.33 5.79 7.88
C LEU A 111 -20.67 5.76 9.24
N PRO A 112 -19.61 4.97 9.34
CA PRO A 112 -18.96 4.62 10.59
C PRO A 112 -18.30 5.85 11.23
N PRO A 113 -18.05 5.96 12.53
CA PRO A 113 -17.55 7.21 13.08
C PRO A 113 -16.15 7.42 12.54
N LEU A 114 -15.87 8.66 12.16
CA LEU A 114 -14.62 8.94 11.47
C LEU A 114 -13.35 8.50 12.19
N ASP A 115 -13.31 8.08 13.45
CA ASP A 115 -12.08 7.60 14.09
C ASP A 115 -11.94 6.10 13.86
N ASN A 116 -12.81 5.44 13.11
CA ASN A 116 -12.67 4.02 12.79
C ASN A 116 -12.10 3.77 11.40
N ILE A 117 -11.81 4.83 10.62
CA ILE A 117 -11.24 4.70 9.28
C ILE A 117 -9.74 4.36 9.45
N ILE A 118 -9.28 3.19 9.02
CA ILE A 118 -7.91 2.82 9.24
C ILE A 118 -7.05 3.22 8.06
N ASN A 119 -7.60 3.42 6.86
CA ASN A 119 -6.73 3.70 5.72
C ASN A 119 -7.51 4.35 4.60
N LEU A 120 -6.76 4.82 3.59
CA LEU A 120 -7.39 5.54 2.49
C LEU A 120 -8.38 4.68 1.68
N TYR A 121 -8.19 3.36 1.59
CA TYR A 121 -9.17 2.52 0.94
C TYR A 121 -10.53 2.59 1.58
N ASP A 122 -10.66 3.00 2.86
CA ASP A 122 -11.94 2.97 3.55
C ASP A 122 -12.88 4.01 3.00
N PHE A 123 -12.32 5.18 2.70
CA PHE A 123 -13.04 6.26 2.07
C PHE A 123 -13.46 5.78 0.68
N GLU A 124 -12.62 5.12 -0.17
CA GLU A 124 -13.07 4.60 -1.45
C GLU A 124 -14.29 3.74 -1.29
N TYR A 125 -14.21 2.79 -0.38
CA TYR A 125 -15.30 1.91 -0.12
C TYR A 125 -16.54 2.71 0.27
N LEU A 126 -16.39 3.65 1.21
CA LEU A 126 -17.57 4.38 1.64
C LEU A 126 -18.14 5.21 0.50
N ALA A 127 -17.34 5.84 -0.34
CA ALA A 127 -17.87 6.71 -1.35
C ALA A 127 -18.53 5.86 -2.45
N SER A 128 -17.97 4.70 -2.78
CA SER A 128 -18.55 3.84 -3.78
C SER A 128 -19.94 3.40 -3.30
N GLN A 129 -20.21 3.31 -2.01
CA GLN A 129 -21.56 3.00 -1.56
C GLN A 129 -22.53 4.17 -1.46
N THR A 130 -22.11 5.41 -1.19
CA THR A 130 -23.07 6.43 -1.00
C THR A 130 -23.08 7.42 -2.11
N LEU A 131 -22.11 7.53 -2.99
CA LEU A 131 -22.10 8.58 -3.97
C LEU A 131 -23.06 8.19 -5.08
N THR A 132 -23.62 9.29 -5.59
CA THR A 132 -24.37 9.38 -6.82
C THR A 132 -23.66 8.68 -7.97
N LYS A 133 -24.30 7.76 -8.70
CA LYS A 133 -23.79 7.19 -9.96
C LYS A 133 -23.04 8.11 -10.96
N GLN A 134 -23.52 9.31 -11.30
CA GLN A 134 -22.76 10.26 -12.11
C GLN A 134 -21.44 10.54 -11.39
N ALA A 135 -21.44 10.84 -10.09
CA ALA A 135 -20.22 11.16 -9.36
C ALA A 135 -19.35 9.97 -9.09
N TRP A 136 -19.88 8.74 -8.91
CA TRP A 136 -18.93 7.66 -8.76
C TRP A 136 -18.29 7.44 -10.11
N ALA A 137 -19.02 7.52 -11.22
CA ALA A 137 -18.42 7.15 -12.49
C ALA A 137 -17.40 8.17 -12.84
N TYR A 138 -17.76 9.42 -12.64
CA TYR A 138 -16.91 10.52 -12.98
C TYR A 138 -15.63 10.42 -12.18
N TYR A 139 -15.67 10.28 -10.85
CA TYR A 139 -14.48 10.24 -10.02
C TYR A 139 -13.69 8.99 -10.17
N SER A 140 -14.32 7.83 -10.19
CA SER A 140 -13.54 6.60 -10.27
C SER A 140 -13.09 6.15 -11.64
N SER A 141 -13.37 6.79 -12.77
CA SER A 141 -13.05 6.18 -14.05
C SER A 141 -11.75 6.60 -14.71
N GLY A 142 -11.30 5.67 -15.57
CA GLY A 142 -10.07 5.79 -16.28
C GLY A 142 -10.42 5.87 -17.74
N ALA A 143 -9.46 6.05 -18.63
CA ALA A 143 -9.65 5.97 -20.06
C ALA A 143 -9.84 4.55 -20.53
N ASN A 144 -10.75 4.28 -21.45
CA ASN A 144 -10.89 2.98 -22.12
C ASN A 144 -10.88 1.78 -21.19
N ASP A 145 -9.85 0.97 -21.21
CA ASP A 145 -9.77 -0.25 -20.43
C ASP A 145 -9.16 -0.02 -19.05
N GLU A 146 -8.73 1.19 -18.75
CA GLU A 146 -8.22 1.56 -17.44
C GLU A 146 -6.95 0.79 -17.10
N VAL A 147 -6.17 0.18 -18.06
CA VAL A 147 -5.00 -0.51 -17.62
C VAL A 147 -4.02 0.55 -17.14
N THR A 148 -3.93 1.84 -17.50
CA THR A 148 -2.88 2.69 -16.96
C THR A 148 -3.27 3.10 -15.53
N HIS A 149 -4.53 3.46 -15.29
CA HIS A 149 -5.01 3.77 -13.95
C HIS A 149 -4.68 2.63 -12.94
N ARG A 150 -4.80 1.35 -13.24
CA ARG A 150 -4.51 0.33 -12.23
C ARG A 150 -3.02 0.10 -12.09
N GLU A 151 -2.40 0.12 -13.26
CA GLU A 151 -0.97 0.02 -13.43
C GLU A 151 -0.23 1.12 -12.73
N ASN A 152 -0.85 2.26 -12.56
CA ASN A 152 -0.23 3.38 -11.85
C ASN A 152 0.09 3.02 -10.43
N HIS A 153 -0.80 2.24 -9.81
CA HIS A 153 -0.64 1.83 -8.44
C HIS A 153 0.14 0.54 -8.41
N ASN A 154 -0.02 -0.40 -9.34
CA ASN A 154 0.66 -1.66 -9.07
C ASN A 154 2.09 -1.54 -9.39
N ALA A 155 2.48 -0.49 -10.06
CA ALA A 155 3.87 -0.39 -10.41
C ALA A 155 4.70 -0.17 -9.16
N TYR A 156 4.08 0.39 -8.11
CA TYR A 156 4.71 0.58 -6.82
C TYR A 156 5.19 -0.72 -6.25
N HIS A 157 4.37 -1.76 -6.40
CA HIS A 157 4.62 -3.04 -5.82
C HIS A 157 5.73 -3.76 -6.53
N ARG A 158 6.31 -3.19 -7.56
CA ARG A 158 7.45 -3.84 -8.15
C ARG A 158 8.71 -3.29 -7.48
N ILE A 159 8.60 -2.56 -6.36
CA ILE A 159 9.76 -2.01 -5.69
C ILE A 159 9.66 -2.44 -4.23
N PHE A 160 10.76 -2.97 -3.69
CA PHE A 160 10.87 -3.42 -2.32
C PHE A 160 11.87 -2.49 -1.63
N PHE A 161 12.02 -2.56 -0.30
CA PHE A 161 12.85 -1.70 0.53
C PHE A 161 14.03 -2.45 1.05
N LYS A 162 15.01 -1.71 1.41
CA LYS A 162 16.20 -2.28 1.92
C LYS A 162 16.58 -1.59 3.23
N PRO A 163 15.82 -1.80 4.32
CA PRO A 163 15.91 -1.11 5.59
C PRO A 163 17.19 -1.18 6.42
N LYS A 164 17.40 -0.18 7.28
CA LYS A 164 18.53 -0.15 8.20
C LYS A 164 17.99 -0.44 9.56
N ILE A 165 18.86 -1.07 10.29
CA ILE A 165 18.50 -1.49 11.60
C ILE A 165 19.48 -0.71 12.52
N LEU A 166 19.13 -0.71 13.83
CA LEU A 166 19.90 -0.14 14.92
C LEU A 166 20.40 1.27 14.64
N VAL A 167 19.43 2.05 14.17
CA VAL A 167 19.59 3.46 13.94
C VAL A 167 18.56 4.02 14.89
N ASP A 168 18.98 5.11 15.49
CA ASP A 168 18.16 5.80 16.45
C ASP A 168 17.14 6.61 15.67
N VAL A 169 15.94 6.07 15.69
CA VAL A 169 14.86 6.71 14.97
C VAL A 169 13.82 7.22 15.96
N ARG A 170 14.28 8.04 16.90
CA ARG A 170 13.43 8.54 17.97
C ARG A 170 12.52 9.63 17.43
N LYS A 171 13.10 10.60 16.78
CA LYS A 171 12.39 11.72 16.25
C LYS A 171 12.61 11.52 14.78
N VAL A 172 11.55 11.61 13.97
CA VAL A 172 11.68 11.49 12.53
C VAL A 172 11.07 12.80 12.01
N ASP A 173 11.48 13.46 10.91
CA ASP A 173 10.88 14.68 10.42
C ASP A 173 10.55 14.63 8.93
N ILE A 174 9.28 14.47 8.67
CA ILE A 174 8.77 14.37 7.32
C ILE A 174 8.52 15.70 6.63
N SER A 175 8.91 16.89 7.07
CA SER A 175 8.50 18.14 6.38
C SER A 175 9.41 18.40 5.17
N THR A 176 9.19 19.32 4.23
CA THR A 176 10.12 19.46 3.11
C THR A 176 9.88 20.78 2.37
N ASP A 177 10.54 21.01 1.25
CA ASP A 177 10.32 22.22 0.52
C ASP A 177 9.96 21.78 -0.87
N MET A 178 8.83 22.35 -1.28
CA MET A 178 8.32 22.11 -2.61
C MET A 178 8.13 23.50 -3.15
N LEU A 179 8.70 23.68 -4.31
CA LEU A 179 8.47 24.86 -5.11
C LEU A 179 8.66 26.16 -4.31
N GLY A 180 9.78 26.32 -3.61
CA GLY A 180 9.93 27.52 -2.78
C GLY A 180 9.31 27.47 -1.39
N SER A 181 8.08 27.06 -1.07
CA SER A 181 7.58 27.03 0.30
C SER A 181 8.12 25.85 1.12
N HIS A 182 7.92 25.81 2.43
CA HIS A 182 8.36 24.69 3.23
C HIS A 182 7.07 24.08 3.64
N VAL A 183 6.84 22.83 3.26
CA VAL A 183 5.62 22.14 3.59
C VAL A 183 5.80 21.19 4.81
N ASP A 184 4.74 20.92 5.56
CA ASP A 184 4.78 19.98 6.68
C ASP A 184 4.86 18.54 6.26
N VAL A 185 4.43 18.22 5.04
CA VAL A 185 4.28 16.84 4.60
C VAL A 185 4.85 16.61 3.20
N PRO A 186 5.19 15.44 2.67
CA PRO A 186 5.70 15.36 1.29
C PRO A 186 4.63 15.00 0.23
N PHE A 187 3.35 15.23 0.50
CA PHE A 187 2.27 14.96 -0.41
C PHE A 187 1.42 16.19 -0.53
N TYR A 188 0.57 16.25 -1.57
CA TYR A 188 -0.35 17.35 -1.75
C TYR A 188 -1.64 16.84 -2.41
N VAL A 189 -2.61 17.71 -2.47
CA VAL A 189 -3.84 17.38 -3.10
C VAL A 189 -3.82 17.87 -4.55
N SER A 190 -3.86 16.96 -5.50
CA SER A 190 -3.87 17.28 -6.90
C SER A 190 -5.24 17.76 -7.29
N ALA A 191 -5.31 18.52 -8.38
CA ALA A 191 -6.54 19.13 -8.82
C ALA A 191 -7.55 18.16 -9.36
N THR A 192 -8.73 18.07 -8.79
CA THR A 192 -9.72 17.19 -9.34
C THR A 192 -10.77 18.16 -9.86
N ALA A 193 -11.44 17.92 -10.99
CA ALA A 193 -12.49 18.82 -11.45
C ALA A 193 -13.72 18.48 -10.66
N LEU A 194 -14.75 19.27 -10.81
CA LEU A 194 -16.01 19.08 -10.17
C LEU A 194 -16.11 18.44 -8.79
N CYS A 195 -15.46 18.93 -7.73
CA CYS A 195 -15.71 18.39 -6.38
C CYS A 195 -17.15 18.53 -5.92
N LYS A 196 -18.05 19.40 -6.36
CA LYS A 196 -19.44 19.43 -5.87
C LYS A 196 -20.27 18.19 -6.20
N LEU A 197 -19.84 17.33 -7.12
CA LEU A 197 -20.58 16.13 -7.40
C LEU A 197 -20.59 15.34 -6.13
N GLY A 198 -19.46 15.23 -5.43
CA GLY A 198 -19.40 14.41 -4.23
C GLY A 198 -19.63 15.21 -2.96
N ASN A 199 -19.60 16.54 -3.00
CA ASN A 199 -19.76 17.36 -1.81
C ASN A 199 -20.49 18.57 -2.33
N PRO A 200 -21.79 18.42 -2.59
CA PRO A 200 -22.61 19.48 -3.15
C PRO A 200 -22.62 20.80 -2.39
N LEU A 201 -22.53 20.81 -1.06
CA LEU A 201 -22.56 22.09 -0.37
C LEU A 201 -21.22 22.80 -0.36
N GLU A 202 -20.08 22.15 -0.15
CA GLU A 202 -18.84 22.90 -0.06
C GLU A 202 -17.83 22.67 -1.14
N GLY A 203 -17.92 21.50 -1.74
CA GLY A 203 -17.01 21.12 -2.78
C GLY A 203 -15.57 21.33 -2.33
N GLU A 204 -14.94 22.28 -3.02
CA GLU A 204 -13.56 22.57 -2.87
C GLU A 204 -13.32 23.41 -1.67
N LYS A 205 -14.33 24.14 -1.20
CA LYS A 205 -14.18 25.02 -0.05
C LYS A 205 -13.88 24.10 1.12
N ASP A 206 -14.38 22.86 1.11
CA ASP A 206 -14.00 21.92 2.16
C ASP A 206 -12.65 21.27 2.00
N VAL A 207 -12.04 21.14 0.82
CA VAL A 207 -10.73 20.59 0.86
C VAL A 207 -9.82 21.75 1.25
N ALA A 208 -10.17 23.03 0.98
CA ALA A 208 -9.36 24.16 1.42
C ALA A 208 -9.28 24.07 2.95
N ARG A 209 -10.45 23.83 3.55
CA ARG A 209 -10.57 23.64 5.00
C ARG A 209 -9.88 22.39 5.55
N GLY A 210 -10.12 21.15 5.14
CA GLY A 210 -9.40 20.04 5.76
C GLY A 210 -7.89 20.12 5.61
N CYS A 211 -7.45 20.81 4.53
CA CYS A 211 -6.00 20.94 4.28
C CYS A 211 -5.36 21.93 5.22
N GLY A 212 -6.09 22.80 5.86
CA GLY A 212 -5.43 23.84 6.55
C GLY A 212 -5.87 23.90 7.97
N GLN A 213 -6.96 23.30 8.36
CA GLN A 213 -7.38 23.50 9.72
C GLN A 213 -6.50 22.85 10.76
N GLY A 214 -5.68 21.86 10.44
CA GLY A 214 -5.09 21.04 11.48
C GLY A 214 -3.67 21.44 11.81
N VAL A 215 -3.01 20.54 12.57
CA VAL A 215 -1.64 20.83 12.95
C VAL A 215 -0.84 20.45 11.73
N THR A 216 -1.32 19.68 10.77
CA THR A 216 -0.56 19.41 9.56
C THR A 216 -1.31 20.09 8.46
N LYS A 217 -0.62 20.76 7.58
CA LYS A 217 -1.30 21.40 6.49
C LYS A 217 -0.63 20.94 5.19
N VAL A 218 -1.54 20.65 4.28
CA VAL A 218 -1.10 20.07 3.04
C VAL A 218 -1.34 21.07 1.91
N PRO A 219 -0.44 21.25 0.92
CA PRO A 219 -0.68 22.09 -0.28
C PRO A 219 -1.92 21.65 -1.01
N GLN A 220 -2.72 22.58 -1.52
CA GLN A 220 -3.89 22.20 -2.31
C GLN A 220 -3.72 22.74 -3.73
N MET A 221 -3.91 21.93 -4.80
CA MET A 221 -3.93 22.38 -6.19
C MET A 221 -5.37 22.65 -6.70
N ILE A 222 -5.74 23.86 -7.14
CA ILE A 222 -7.13 24.17 -7.45
C ILE A 222 -7.26 23.87 -8.92
N SER A 223 -8.34 23.27 -9.42
CA SER A 223 -8.51 23.08 -10.86
C SER A 223 -9.12 24.22 -11.65
N THR A 224 -8.67 24.48 -12.90
CA THR A 224 -9.40 25.37 -13.83
C THR A 224 -10.86 24.92 -14.02
N LEU A 225 -11.21 23.65 -13.80
CA LEU A 225 -12.57 23.17 -13.93
C LEU A 225 -13.24 22.89 -12.57
N ALA A 226 -12.86 23.64 -11.52
CA ALA A 226 -13.36 23.45 -10.17
C ALA A 226 -14.80 23.92 -10.04
N SER A 227 -15.69 23.23 -9.37
CA SER A 227 -17.04 23.74 -9.22
C SER A 227 -17.21 24.92 -8.27
N CYS A 228 -16.16 25.47 -7.66
CA CYS A 228 -16.21 26.69 -6.84
C CYS A 228 -15.28 27.71 -7.47
N SER A 229 -15.45 29.02 -7.28
CA SER A 229 -14.53 29.95 -7.92
C SER A 229 -13.16 29.97 -7.23
N PRO A 230 -11.98 30.28 -7.79
CA PRO A 230 -10.73 30.37 -7.05
C PRO A 230 -10.86 31.36 -5.93
N GLU A 231 -11.60 32.48 -5.99
CA GLU A 231 -11.76 33.34 -4.83
C GLU A 231 -12.39 32.57 -3.67
N GLU A 232 -13.60 32.01 -3.79
CA GLU A 232 -14.28 31.20 -2.76
C GLU A 232 -13.42 30.15 -2.04
N ILE A 233 -12.58 29.45 -2.81
CA ILE A 233 -11.75 28.39 -2.28
C ILE A 233 -10.59 29.00 -1.47
N ILE A 234 -9.90 30.04 -1.91
CA ILE A 234 -8.86 30.71 -1.12
C ILE A 234 -9.51 31.30 0.15
N GLU A 235 -10.61 31.98 0.02
CA GLU A 235 -11.31 32.57 1.15
C GLU A 235 -11.71 31.48 2.13
N ALA A 236 -12.05 30.27 1.67
CA ALA A 236 -12.35 29.28 2.67
C ALA A 236 -11.11 28.90 3.50
N ALA A 237 -9.85 29.10 3.04
CA ALA A 237 -8.69 28.57 3.77
C ALA A 237 -8.65 29.05 5.22
N PRO A 238 -8.65 28.16 6.19
CA PRO A 238 -8.71 28.50 7.60
C PRO A 238 -7.38 29.02 8.08
N SER A 239 -6.26 28.68 7.43
CA SER A 239 -4.97 29.07 7.95
C SER A 239 -4.24 30.01 7.03
N ASP A 240 -3.49 30.91 7.60
CA ASP A 240 -2.75 31.90 6.85
C ASP A 240 -1.50 31.30 6.34
N LYS A 241 -1.17 30.09 6.75
CA LYS A 241 0.09 29.53 6.39
C LYS A 241 -0.02 28.36 5.44
N GLN A 242 -1.21 28.07 4.89
CA GLN A 242 -1.32 26.94 3.96
C GLN A 242 -1.13 27.43 2.54
N ILE A 243 -0.61 26.55 1.69
CA ILE A 243 -0.24 26.83 0.31
C ILE A 243 -1.36 26.37 -0.62
N GLN A 244 -1.73 27.18 -1.60
CA GLN A 244 -2.68 26.86 -2.66
C GLN A 244 -1.93 26.98 -4.00
N TRP A 245 -2.17 26.14 -4.96
CA TRP A 245 -1.40 26.11 -6.21
C TRP A 245 -2.46 26.15 -7.27
N TYR A 246 -2.33 26.86 -8.41
CA TYR A 246 -3.42 26.88 -9.39
C TYR A 246 -2.93 26.06 -10.56
N GLN A 247 -3.85 25.25 -11.10
CA GLN A 247 -3.72 24.33 -12.24
C GLN A 247 -4.48 24.96 -13.41
N LEU A 248 -3.90 24.99 -14.59
CA LEU A 248 -4.43 25.73 -15.73
C LEU A 248 -4.62 24.83 -16.91
N TYR A 249 -5.76 24.99 -17.57
CA TYR A 249 -5.94 24.45 -18.90
C TYR A 249 -5.87 25.73 -19.79
N VAL A 250 -5.01 25.86 -20.81
CA VAL A 250 -5.05 27.12 -21.52
C VAL A 250 -6.06 27.01 -22.64
N ASN A 251 -6.83 28.05 -22.75
CA ASN A 251 -7.94 28.08 -23.68
C ASN A 251 -7.46 28.53 -25.05
N SER A 252 -8.15 28.17 -26.15
CA SER A 252 -7.92 28.79 -27.44
C SER A 252 -8.06 30.32 -27.40
N ASP A 253 -8.94 30.96 -26.61
CA ASP A 253 -8.96 32.42 -26.57
C ASP A 253 -7.88 32.78 -25.54
N ARG A 254 -6.60 32.89 -25.89
CA ARG A 254 -5.57 33.13 -24.90
C ARG A 254 -5.82 34.37 -24.06
N LYS A 255 -6.59 35.38 -24.42
CA LYS A 255 -6.85 36.43 -23.45
C LYS A 255 -7.58 35.84 -22.21
N ILE A 256 -8.48 34.85 -22.35
CA ILE A 256 -9.23 34.26 -21.25
C ILE A 256 -8.22 33.64 -20.31
N THR A 257 -7.32 32.83 -20.80
CA THR A 257 -6.24 32.32 -20.01
C THR A 257 -5.44 33.47 -19.37
N ASP A 258 -5.12 34.54 -20.10
CA ASP A 258 -4.27 35.59 -19.59
C ASP A 258 -4.95 36.33 -18.45
N ASP A 259 -6.21 36.53 -18.50
CA ASP A 259 -6.85 37.14 -17.38
C ASP A 259 -6.90 36.24 -16.16
N LEU A 260 -7.06 34.94 -16.39
CA LEU A 260 -7.11 33.92 -15.36
C LEU A 260 -5.74 33.90 -14.70
N VAL A 261 -4.59 33.96 -15.38
CA VAL A 261 -3.34 33.88 -14.63
C VAL A 261 -3.16 35.10 -13.71
N LYS A 262 -3.56 36.27 -14.22
CA LYS A 262 -3.46 37.54 -13.53
C LYS A 262 -4.31 37.47 -12.32
N ASN A 263 -5.51 36.94 -12.47
CA ASN A 263 -6.39 36.83 -11.34
C ASN A 263 -5.81 35.90 -10.27
N VAL A 264 -5.47 34.64 -10.55
CA VAL A 264 -5.01 33.76 -9.48
C VAL A 264 -3.70 34.20 -8.85
N GLU A 265 -2.91 34.98 -9.59
CA GLU A 265 -1.71 35.53 -9.03
C GLU A 265 -2.06 36.58 -7.98
N LYS A 266 -3.08 37.41 -8.19
CA LYS A 266 -3.45 38.38 -7.19
C LYS A 266 -4.07 37.67 -6.00
N LEU A 267 -4.83 36.60 -6.17
CA LEU A 267 -5.39 35.96 -4.99
C LEU A 267 -4.28 35.26 -4.20
N GLY A 268 -3.10 35.13 -4.79
CA GLY A 268 -1.99 34.65 -4.02
C GLY A 268 -1.85 33.15 -4.01
N VAL A 269 -2.24 32.52 -5.10
CA VAL A 269 -1.85 31.14 -5.25
C VAL A 269 -0.30 31.13 -5.41
N LYS A 270 0.40 30.02 -5.19
CA LYS A 270 1.85 30.06 -5.19
C LYS A 270 2.63 29.47 -6.32
N ALA A 271 1.98 28.83 -7.28
CA ALA A 271 2.65 28.18 -8.41
C ALA A 271 1.57 28.02 -9.47
N LEU A 272 2.03 27.87 -10.71
CA LEU A 272 1.11 27.65 -11.79
C LEU A 272 1.38 26.25 -12.35
N PHE A 273 0.43 25.32 -12.34
CA PHE A 273 0.67 23.98 -12.84
C PHE A 273 -0.12 24.01 -14.11
N VAL A 274 0.51 23.81 -15.30
CA VAL A 274 -0.13 23.94 -16.63
C VAL A 274 -0.35 22.52 -17.10
N THR A 275 -1.55 21.97 -17.20
CA THR A 275 -1.70 20.58 -17.55
C THR A 275 -1.54 20.51 -19.03
N VAL A 276 -0.65 19.61 -19.49
CA VAL A 276 -0.44 19.43 -20.90
C VAL A 276 -0.83 18.08 -21.42
N ASP A 277 -1.47 17.23 -20.64
CA ASP A 277 -1.68 15.87 -21.11
C ASP A 277 -3.09 15.48 -21.50
N ALA A 278 -3.88 16.51 -21.77
CA ALA A 278 -5.25 16.29 -22.18
C ALA A 278 -5.61 17.36 -23.21
N PRO A 279 -4.99 17.36 -24.43
CA PRO A 279 -5.36 18.13 -25.59
C PRO A 279 -6.70 17.77 -26.15
N SER A 280 -7.12 16.60 -25.75
CA SER A 280 -8.32 15.98 -26.23
C SER A 280 -8.80 15.26 -24.96
N LEU A 281 -10.09 14.98 -24.79
CA LEU A 281 -10.58 14.39 -23.54
C LEU A 281 -10.52 12.90 -23.69
N GLY A 282 -9.75 12.22 -22.85
CA GLY A 282 -9.67 10.78 -22.89
C GLY A 282 -11.06 10.11 -22.82
N GLN A 283 -11.25 8.93 -23.34
CA GLN A 283 -12.57 8.35 -23.36
C GLN A 283 -12.90 7.57 -22.09
N ARG A 284 -13.61 8.15 -21.10
CA ARG A 284 -13.94 7.49 -19.82
C ARG A 284 -15.26 6.80 -20.01
N GLU A 285 -15.11 5.55 -20.36
CA GLU A 285 -16.30 4.84 -20.76
C GLU A 285 -17.32 4.57 -19.66
N LYS A 286 -17.04 4.61 -18.36
CA LYS A 286 -18.09 4.38 -17.36
C LYS A 286 -19.03 5.55 -17.46
N ASP A 287 -18.51 6.78 -17.61
CA ASP A 287 -19.39 7.92 -17.78
C ASP A 287 -20.25 7.73 -19.04
N MET A 288 -19.53 7.50 -20.18
CA MET A 288 -20.19 7.35 -21.47
C MET A 288 -21.35 6.45 -21.33
N LYS A 289 -21.06 5.29 -20.75
CA LYS A 289 -22.05 4.26 -20.62
C LYS A 289 -23.21 4.78 -19.81
N LEU A 290 -22.93 5.60 -18.82
CA LEU A 290 -23.99 6.06 -17.93
C LEU A 290 -24.96 7.01 -18.61
N LYS A 291 -24.65 7.62 -19.75
CA LYS A 291 -25.61 8.50 -20.39
C LYS A 291 -26.49 7.72 -21.40
N PHE A 292 -25.93 6.72 -22.09
CA PHE A 292 -26.65 5.84 -23.00
C PHE A 292 -27.51 4.96 -22.11
N SER A 293 -28.62 5.55 -21.70
CA SER A 293 -29.40 4.89 -20.69
C SER A 293 -28.73 5.40 -19.43
N ASN A 294 -29.24 6.57 -19.17
CA ASN A 294 -28.97 7.33 -17.99
C ASN A 294 -30.23 8.16 -17.87
N THR A 295 -30.93 7.98 -16.87
N ALA A 316 -14.70 15.63 -28.58
CA ALA A 316 -13.54 15.41 -27.72
C ALA A 316 -12.57 16.59 -27.66
N LEU A 317 -12.50 17.34 -28.75
CA LEU A 317 -11.79 18.61 -28.80
C LEU A 317 -12.86 19.60 -28.31
N SER A 318 -12.44 20.83 -28.13
CA SER A 318 -13.23 21.93 -27.71
C SER A 318 -12.22 23.07 -27.74
N LYS A 319 -12.61 24.32 -27.68
CA LYS A 319 -11.64 25.37 -27.70
C LYS A 319 -11.24 25.63 -26.26
N PHE A 320 -12.00 25.09 -25.32
CA PHE A 320 -11.71 25.32 -23.91
C PHE A 320 -10.30 24.86 -23.51
N ILE A 321 -9.81 23.69 -23.90
CA ILE A 321 -8.47 23.25 -23.58
C ILE A 321 -7.91 23.39 -24.98
N ASP A 322 -6.91 24.18 -25.26
CA ASP A 322 -6.52 24.36 -26.62
C ASP A 322 -5.66 23.19 -27.02
N PRO A 323 -5.93 22.44 -28.10
CA PRO A 323 -5.13 21.33 -28.54
C PRO A 323 -3.92 21.79 -29.30
N SER A 324 -3.58 23.08 -29.35
CA SER A 324 -2.37 23.55 -30.02
C SER A 324 -1.29 24.02 -29.06
N LEU A 325 -1.25 23.76 -27.71
CA LEU A 325 -0.15 24.32 -26.96
C LEU A 325 1.13 23.65 -27.46
N THR A 326 2.22 24.39 -27.36
CA THR A 326 3.51 23.97 -27.82
C THR A 326 4.53 24.49 -26.82
N TRP A 327 5.76 23.98 -26.80
CA TRP A 327 6.82 24.46 -25.94
C TRP A 327 7.04 25.95 -26.01
N LYS A 328 6.70 26.56 -27.16
CA LYS A 328 6.84 27.99 -27.28
C LYS A 328 5.79 28.66 -26.43
N ASP A 329 4.56 28.16 -26.32
CA ASP A 329 3.60 28.75 -25.41
C ASP A 329 4.01 28.88 -23.95
N ILE A 330 4.60 27.81 -23.42
CA ILE A 330 5.10 27.76 -22.07
C ILE A 330 6.23 28.78 -22.05
N GLU A 331 7.12 28.83 -23.07
CA GLU A 331 8.14 29.87 -23.15
C GLU A 331 7.50 31.24 -23.07
N GLU A 332 6.39 31.55 -23.72
CA GLU A 332 5.80 32.86 -23.61
C GLU A 332 5.15 33.11 -22.26
N LEU A 333 4.63 32.07 -21.57
CA LEU A 333 3.97 32.23 -20.28
C LEU A 333 4.93 32.62 -19.20
N LYS A 334 6.19 32.16 -19.21
CA LYS A 334 7.16 32.54 -18.19
C LYS A 334 7.20 34.06 -18.23
N LYS A 335 7.21 34.66 -19.41
CA LYS A 335 7.36 36.10 -19.49
C LYS A 335 6.14 36.82 -18.93
N LYS A 336 5.00 36.21 -19.03
CA LYS A 336 3.82 36.86 -18.54
C LYS A 336 3.65 36.67 -17.01
N THR A 337 4.51 36.01 -16.23
CA THR A 337 4.10 35.67 -14.89
C THR A 337 5.26 35.60 -13.98
N LYS A 338 4.95 35.86 -12.70
CA LYS A 338 6.02 35.73 -11.74
C LYS A 338 5.79 34.44 -10.93
N LEU A 339 4.76 33.62 -11.16
CA LEU A 339 4.64 32.39 -10.35
C LEU A 339 5.61 31.36 -10.88
N PRO A 340 6.19 30.35 -10.20
CA PRO A 340 6.92 29.23 -10.82
C PRO A 340 5.94 28.47 -11.70
N ILE A 341 6.40 27.86 -12.77
CA ILE A 341 5.52 27.15 -13.67
C ILE A 341 5.92 25.71 -13.61
N VAL A 342 4.95 24.83 -13.45
CA VAL A 342 5.22 23.42 -13.41
C VAL A 342 4.43 22.81 -14.55
N ILE A 343 5.07 22.01 -15.38
CA ILE A 343 4.36 21.39 -16.49
C ILE A 343 3.70 20.12 -15.94
N LYS A 344 2.37 19.94 -15.91
CA LYS A 344 1.82 18.77 -15.26
C LYS A 344 1.30 17.90 -16.35
N GLY A 345 1.87 16.70 -16.50
CA GLY A 345 1.38 15.69 -17.42
C GLY A 345 2.47 15.03 -18.26
N VAL A 346 3.74 15.17 -17.89
CA VAL A 346 4.83 14.62 -18.67
C VAL A 346 4.89 13.11 -18.48
N GLN A 347 4.99 12.39 -19.60
CA GLN A 347 5.00 10.95 -19.66
C GLN A 347 6.31 10.41 -20.26
N ARG A 348 7.42 11.13 -20.46
CA ARG A 348 8.64 10.49 -20.93
C ARG A 348 9.79 11.43 -20.61
N THR A 349 10.99 10.85 -20.50
CA THR A 349 12.16 11.60 -20.18
C THR A 349 12.48 12.74 -21.11
N GLU A 350 12.31 12.66 -22.43
CA GLU A 350 12.72 13.71 -23.36
C GLU A 350 11.95 14.99 -23.07
N ASP A 351 10.69 14.90 -22.73
CA ASP A 351 9.94 16.06 -22.32
C ASP A 351 10.33 16.55 -20.91
N VAL A 352 10.93 15.70 -20.08
CA VAL A 352 11.39 16.17 -18.79
C VAL A 352 12.59 17.07 -19.12
N ILE A 353 13.51 16.55 -19.94
CA ILE A 353 14.72 17.27 -20.31
C ILE A 353 14.37 18.55 -21.07
N LYS A 354 13.40 18.59 -21.98
CA LYS A 354 12.98 19.81 -22.66
C LYS A 354 12.49 20.86 -21.68
N ALA A 355 11.52 20.53 -20.79
CA ALA A 355 10.95 21.39 -19.77
C ALA A 355 12.09 22.02 -19.00
N ALA A 356 13.11 21.21 -18.62
CA ALA A 356 14.30 21.74 -17.97
C ALA A 356 14.95 22.77 -18.90
N GLU A 357 15.21 22.47 -20.16
CA GLU A 357 15.87 23.39 -21.04
C GLU A 357 15.08 24.67 -21.27
N ILE A 358 13.76 24.79 -21.16
CA ILE A 358 13.19 26.13 -21.27
C ILE A 358 13.04 26.87 -19.93
N GLY A 359 13.62 26.30 -18.86
CA GLY A 359 13.73 26.95 -17.59
C GLY A 359 12.42 27.05 -16.88
N VAL A 360 11.51 26.12 -17.04
CA VAL A 360 10.28 26.06 -16.25
C VAL A 360 10.76 25.58 -14.85
N SER A 361 10.10 25.80 -13.73
CA SER A 361 10.58 25.26 -12.46
C SER A 361 10.33 23.77 -12.23
N GLY A 362 9.29 23.17 -12.78
CA GLY A 362 9.05 21.77 -12.44
C GLY A 362 8.27 21.06 -13.50
N VAL A 363 7.98 19.80 -13.26
CA VAL A 363 7.40 18.87 -14.20
C VAL A 363 6.61 17.96 -13.28
N VAL A 364 5.41 17.53 -13.54
CA VAL A 364 4.73 16.58 -12.70
C VAL A 364 4.61 15.39 -13.64
N LEU A 365 5.27 14.29 -13.31
CA LEU A 365 5.24 13.09 -14.09
C LEU A 365 3.87 12.44 -13.87
N SER A 366 2.95 12.39 -14.83
CA SER A 366 1.58 12.06 -14.58
C SER A 366 1.01 11.66 -15.89
N ASN A 367 -0.06 10.85 -15.82
CA ASN A 367 -0.82 10.44 -16.97
C ASN A 367 -2.27 10.70 -16.64
N HIS A 368 -2.45 11.62 -15.74
CA HIS A 368 -3.69 12.24 -15.39
C HIS A 368 -4.59 11.21 -14.77
N GLY A 369 -4.00 10.36 -13.93
CA GLY A 369 -4.79 9.38 -13.19
C GLY A 369 -5.43 8.32 -14.10
N GLY A 370 -4.69 8.10 -15.21
CA GLY A 370 -5.02 7.10 -16.22
C GLY A 370 -6.33 7.45 -16.87
N ARG A 371 -6.67 8.75 -16.96
CA ARG A 371 -7.89 9.13 -17.60
C ARG A 371 -7.59 9.63 -19.04
N GLN A 372 -6.43 9.47 -19.62
CA GLN A 372 -6.24 10.12 -20.91
C GLN A 372 -5.71 9.04 -21.77
N LEU A 373 -4.43 8.76 -21.98
CA LEU A 373 -4.11 7.69 -22.88
C LEU A 373 -4.07 6.37 -22.13
N ASP A 374 -4.76 5.30 -22.46
CA ASP A 374 -4.43 4.06 -21.80
C ASP A 374 -3.07 3.55 -22.33
N PHE A 375 -2.33 2.69 -21.63
CA PHE A 375 -1.00 2.16 -21.96
C PHE A 375 0.00 3.30 -21.93
N SER A 376 -0.28 4.36 -21.17
CA SER A 376 0.79 5.30 -20.88
C SER A 376 1.41 4.57 -19.69
N ARG A 377 2.75 4.71 -19.45
CA ARG A 377 3.39 4.08 -18.30
C ARG A 377 3.06 4.65 -16.90
N ALA A 378 3.33 3.86 -15.89
CA ALA A 378 3.19 4.34 -14.52
C ALA A 378 4.24 5.41 -14.17
N PRO A 379 3.95 6.58 -13.64
CA PRO A 379 4.94 7.59 -13.28
C PRO A 379 6.06 7.05 -12.39
N ILE A 380 5.89 6.12 -11.42
CA ILE A 380 7.05 5.65 -10.67
C ILE A 380 8.18 5.03 -11.50
N GLU A 381 7.81 4.41 -12.62
CA GLU A 381 8.75 3.80 -13.52
C GLU A 381 9.40 4.87 -14.39
N VAL A 382 8.71 5.91 -14.88
CA VAL A 382 9.35 6.91 -15.73
C VAL A 382 10.33 7.62 -14.79
N LEU A 383 9.95 7.89 -13.53
CA LEU A 383 10.81 8.60 -12.55
C LEU A 383 12.07 7.76 -12.34
N ALA A 384 12.01 6.46 -12.14
CA ALA A 384 13.23 5.66 -11.98
C ALA A 384 14.11 5.78 -13.19
N GLU A 385 13.54 6.05 -14.34
CA GLU A 385 14.22 6.22 -15.61
C GLU A 385 14.81 7.58 -15.78
N THR A 386 14.01 8.59 -15.50
CA THR A 386 14.35 10.00 -15.66
C THR A 386 15.41 10.47 -14.69
N MET A 387 15.27 10.27 -13.38
CA MET A 387 16.20 10.86 -12.41
C MET A 387 17.69 10.51 -12.62
N PRO A 388 18.12 9.33 -13.02
CA PRO A 388 19.53 9.11 -13.28
C PRO A 388 19.94 9.92 -14.50
N ILE A 389 19.12 10.10 -15.55
CA ILE A 389 19.48 10.90 -16.75
C ILE A 389 19.53 12.35 -16.30
N LEU A 390 18.62 12.85 -15.46
CA LEU A 390 18.72 14.20 -14.93
C LEU A 390 20.00 14.40 -14.14
N GLU A 391 20.42 13.46 -13.30
CA GLU A 391 21.66 13.62 -12.56
C GLU A 391 22.80 13.72 -13.52
N GLN A 392 23.00 12.74 -14.40
CA GLN A 392 24.10 12.74 -15.33
C GLN A 392 24.13 13.96 -16.19
N ARG A 393 23.05 14.73 -16.38
CA ARG A 393 23.12 15.86 -17.27
C ARG A 393 23.30 17.16 -16.50
N ASN A 394 23.57 17.01 -15.23
CA ASN A 394 23.58 18.08 -14.27
C ASN A 394 22.30 18.89 -14.11
N LEU A 395 21.22 18.70 -14.90
CA LEU A 395 19.95 19.39 -14.72
C LEU A 395 19.26 18.96 -13.44
N LYS A 396 19.74 17.91 -12.77
CA LYS A 396 19.15 17.39 -11.56
C LYS A 396 18.73 18.34 -10.46
N ASP A 397 19.57 19.34 -10.17
CA ASP A 397 19.20 20.22 -9.09
C ASP A 397 18.32 21.35 -9.59
N LYS A 398 18.13 21.54 -10.89
CA LYS A 398 17.39 22.70 -11.33
C LYS A 398 15.92 22.48 -11.73
N LEU A 399 15.30 21.34 -11.45
CA LEU A 399 13.96 21.04 -11.89
C LEU A 399 13.31 20.27 -10.75
N GLU A 400 12.18 20.64 -10.12
CA GLU A 400 11.61 19.73 -9.13
C GLU A 400 10.67 18.80 -9.84
N VAL A 401 10.76 17.47 -9.61
CA VAL A 401 10.00 16.45 -10.34
C VAL A 401 8.88 15.96 -9.47
N PHE A 402 7.58 16.06 -9.69
CA PHE A 402 6.59 15.50 -8.79
C PHE A 402 6.05 14.29 -9.56
N VAL A 403 5.18 13.47 -8.98
CA VAL A 403 4.72 12.19 -9.48
C VAL A 403 3.29 12.08 -8.95
N ASP A 404 2.26 11.60 -9.65
CA ASP A 404 1.03 11.23 -8.97
C ASP A 404 0.50 9.98 -9.61
N GLY A 405 -0.63 9.47 -9.18
CA GLY A 405 -1.25 8.33 -9.76
C GLY A 405 -1.07 7.09 -8.89
N GLY A 406 -2.18 6.62 -8.34
CA GLY A 406 -2.25 5.35 -7.65
C GLY A 406 -1.54 5.28 -6.32
N VAL A 407 -1.21 6.40 -5.67
CA VAL A 407 -0.51 6.46 -4.38
C VAL A 407 -1.61 6.33 -3.32
N ARG A 408 -1.66 5.24 -2.55
CA ARG A 408 -2.64 4.96 -1.55
C ARG A 408 -2.02 4.71 -0.21
N ARG A 409 -0.75 4.31 -0.07
CA ARG A 409 -0.16 4.11 1.27
C ARG A 409 1.07 4.98 1.53
N GLY A 410 1.51 5.06 2.79
CA GLY A 410 2.67 5.82 3.11
C GLY A 410 3.88 5.15 2.45
N THR A 411 4.04 3.83 2.21
CA THR A 411 5.26 3.34 1.60
C THR A 411 5.32 3.63 0.09
N ASP A 412 4.19 4.01 -0.61
CA ASP A 412 4.23 4.44 -2.03
C ASP A 412 4.91 5.80 -2.06
N VAL A 413 4.48 6.70 -1.14
CA VAL A 413 5.08 8.04 -1.06
C VAL A 413 6.58 7.92 -0.84
N LEU A 414 6.99 7.02 0.07
CA LEU A 414 8.40 6.87 0.38
C LEU A 414 9.19 6.34 -0.80
N LYS A 415 8.62 5.45 -1.63
CA LYS A 415 9.25 4.92 -2.81
C LYS A 415 9.47 6.04 -3.83
N ALA A 416 8.60 7.06 -3.85
CA ALA A 416 8.78 8.10 -4.80
C ALA A 416 9.82 9.04 -4.28
N LEU A 417 9.83 9.34 -2.97
CA LEU A 417 10.80 10.29 -2.43
C LEU A 417 12.18 9.65 -2.53
N CYS A 418 12.36 8.38 -2.18
CA CYS A 418 13.66 7.74 -2.40
C CYS A 418 14.19 7.82 -3.83
N LEU A 419 13.34 7.61 -4.84
CA LEU A 419 13.79 7.76 -6.23
C LEU A 419 14.02 9.23 -6.61
N GLY A 420 13.56 10.31 -5.93
CA GLY A 420 13.93 11.65 -6.36
C GLY A 420 12.79 12.63 -6.41
N ALA A 421 11.57 12.17 -6.40
CA ALA A 421 10.47 13.09 -6.55
C ALA A 421 10.46 14.00 -5.32
N LYS A 422 10.31 15.25 -5.57
CA LYS A 422 10.22 16.25 -4.54
C LYS A 422 8.99 16.05 -3.68
N GLY A 423 7.91 15.49 -4.22
CA GLY A 423 6.60 15.52 -3.57
C GLY A 423 5.64 14.59 -4.35
N VAL A 424 4.60 14.04 -3.76
CA VAL A 424 3.78 13.06 -4.37
C VAL A 424 2.40 13.63 -4.34
N GLY A 425 1.60 13.53 -5.42
CA GLY A 425 0.24 14.07 -5.46
C GLY A 425 -0.83 13.01 -5.38
N LEU A 426 -1.94 13.31 -4.77
CA LEU A 426 -3.02 12.35 -4.68
C LEU A 426 -4.20 13.17 -5.17
N GLY A 427 -4.98 12.65 -6.10
CA GLY A 427 -6.17 13.35 -6.48
C GLY A 427 -7.34 12.56 -5.93
N ARG A 428 -7.55 11.33 -6.37
CA ARG A 428 -8.70 10.56 -5.91
C ARG A 428 -8.91 10.21 -4.43
N PRO A 429 -8.02 9.81 -3.50
CA PRO A 429 -8.40 9.59 -2.09
C PRO A 429 -8.93 10.88 -1.43
N PHE A 430 -8.32 12.03 -1.66
CA PHE A 430 -8.93 13.23 -1.09
C PHE A 430 -10.35 13.50 -1.63
N LEU A 431 -10.71 13.08 -2.83
CA LEU A 431 -12.08 13.28 -3.29
C LEU A 431 -13.07 12.32 -2.64
N TYR A 432 -12.74 11.06 -2.34
CA TYR A 432 -13.70 10.21 -1.62
C TYR A 432 -13.79 10.64 -0.16
N ALA A 433 -12.64 10.93 0.50
CA ALA A 433 -12.66 11.41 1.87
C ALA A 433 -13.54 12.67 1.90
N ASN A 434 -13.25 13.73 1.12
CA ASN A 434 -14.05 14.94 1.19
C ASN A 434 -15.51 14.65 0.88
N SER A 435 -15.81 13.69 0.00
CA SER A 435 -17.15 13.27 -0.35
C SER A 435 -17.86 12.60 0.78
N CYS A 436 -17.30 11.69 1.59
CA CYS A 436 -18.08 11.07 2.66
C CYS A 436 -18.03 11.88 3.91
N TYR A 437 -16.95 12.60 4.12
CA TYR A 437 -16.83 13.22 5.40
C TYR A 437 -16.46 14.66 5.27
N GLY A 438 -16.63 15.32 4.15
CA GLY A 438 -16.32 16.76 4.10
C GLY A 438 -14.93 17.15 4.57
N ARG A 439 -14.73 18.30 5.23
CA ARG A 439 -13.38 18.66 5.56
C ARG A 439 -12.74 17.84 6.63
N ASN A 440 -13.46 17.33 7.61
CA ASN A 440 -12.78 16.48 8.54
C ASN A 440 -12.35 15.19 7.83
N GLY A 441 -13.02 14.66 6.78
CA GLY A 441 -12.45 13.57 6.01
C GLY A 441 -11.08 14.01 5.43
N VAL A 442 -10.96 15.22 4.88
CA VAL A 442 -9.74 15.61 4.24
C VAL A 442 -8.69 15.73 5.35
N GLU A 443 -9.00 16.24 6.54
CA GLU A 443 -8.02 16.26 7.60
C GLU A 443 -7.66 14.85 8.13
N LYS A 444 -8.60 13.93 8.20
CA LYS A 444 -8.36 12.57 8.67
C LYS A 444 -7.45 11.89 7.69
N ALA A 445 -7.70 12.11 6.38
CA ALA A 445 -7.01 11.42 5.31
C ALA A 445 -5.60 11.87 5.37
N ILE A 446 -5.32 13.17 5.58
CA ILE A 446 -3.98 13.67 5.85
C ILE A 446 -3.33 13.01 7.05
N GLU A 447 -3.98 12.82 8.18
CA GLU A 447 -3.37 12.12 9.30
C GLU A 447 -3.06 10.67 8.96
N ILE A 448 -3.92 9.92 8.26
CA ILE A 448 -3.66 8.54 7.95
C ILE A 448 -2.34 8.42 7.21
N LEU A 449 -2.19 9.28 6.24
CA LEU A 449 -1.05 9.18 5.41
C LEU A 449 0.18 9.77 6.06
N ARG A 450 0.02 10.86 6.85
CA ARG A 450 1.16 11.44 7.56
C ARG A 450 1.67 10.39 8.54
N ASP A 451 0.80 9.72 9.32
CA ASP A 451 1.23 8.63 10.18
C ASP A 451 1.87 7.50 9.41
N GLU A 452 1.26 7.02 8.32
CA GLU A 452 1.89 5.93 7.62
C GLU A 452 3.29 6.27 7.11
N ILE A 453 3.54 7.49 6.66
CA ILE A 453 4.87 7.84 6.22
C ILE A 453 5.76 7.87 7.44
N GLU A 454 5.37 8.49 8.57
CA GLU A 454 6.34 8.69 9.65
C GLU A 454 6.83 7.38 10.21
N MET A 455 5.82 6.54 10.32
CA MET A 455 5.91 5.21 10.77
C MET A 455 6.83 4.35 9.92
N SER A 456 6.90 4.47 8.60
CA SER A 456 7.82 3.64 7.84
C SER A 456 9.15 4.30 7.64
N MET A 457 9.28 5.58 7.99
CA MET A 457 10.60 6.19 7.97
C MET A 457 11.41 5.59 9.14
N ARG A 458 10.80 5.36 10.33
CA ARG A 458 11.41 4.67 11.47
C ARG A 458 11.81 3.27 11.09
N LEU A 459 10.86 2.47 10.60
CA LEU A 459 11.19 1.13 10.19
C LEU A 459 12.16 1.15 8.99
N LEU A 460 12.36 2.22 8.22
CA LEU A 460 13.43 2.15 7.23
C LEU A 460 14.71 2.50 7.89
N GLY A 461 14.69 3.21 9.04
CA GLY A 461 15.88 3.68 9.74
C GLY A 461 16.38 5.01 9.17
N VAL A 462 15.50 5.96 8.92
CA VAL A 462 15.93 7.27 8.41
C VAL A 462 15.11 8.28 9.15
N THR A 463 15.68 9.43 9.43
CA THR A 463 14.85 10.37 10.14
C THR A 463 14.47 11.62 9.39
N SER A 464 14.76 11.81 8.11
CA SER A 464 14.33 13.03 7.46
C SER A 464 14.12 12.74 5.99
N ILE A 465 13.27 13.49 5.28
CA ILE A 465 13.06 13.30 3.84
C ILE A 465 14.42 13.34 3.16
N ALA A 466 15.32 14.21 3.64
CA ALA A 466 16.66 14.36 3.07
C ALA A 466 17.44 13.07 3.10
N GLU A 467 17.22 12.23 4.08
CA GLU A 467 17.87 10.94 4.09
C GLU A 467 17.24 9.90 3.18
N LEU A 468 16.14 10.11 2.46
CA LEU A 468 15.58 9.04 1.63
C LEU A 468 16.42 9.03 0.38
N LYS A 469 17.14 7.94 0.05
CA LYS A 469 17.96 7.92 -1.15
C LYS A 469 17.72 6.64 -1.94
N PRO A 470 18.09 6.42 -3.21
CA PRO A 470 17.65 5.19 -3.88
C PRO A 470 18.39 4.00 -3.37
N ASP A 471 19.41 4.21 -2.56
CA ASP A 471 20.09 3.08 -1.99
C ASP A 471 19.28 2.63 -0.83
N LEU A 472 18.00 2.79 -0.75
CA LEU A 472 17.20 2.26 0.36
C LEU A 472 16.14 1.39 -0.28
N LEU A 473 16.10 1.36 -1.64
CA LEU A 473 15.11 0.65 -2.43
C LEU A 473 15.82 -0.51 -3.07
N ASP A 474 15.08 -1.57 -3.25
CA ASP A 474 15.48 -2.66 -4.03
C ASP A 474 14.83 -2.39 -5.38
N LEU A 475 15.64 -2.09 -6.36
CA LEU A 475 15.08 -1.72 -7.62
C LEU A 475 15.22 -2.79 -8.70
N SER A 476 15.54 -4.03 -8.33
CA SER A 476 15.87 -4.99 -9.36
C SER A 476 14.75 -5.65 -10.12
N THR A 477 13.50 -5.44 -9.80
CA THR A 477 12.41 -6.08 -10.50
C THR A 477 11.36 -5.02 -10.90
N LEU A 478 11.90 -3.77 -11.02
CA LEU A 478 11.12 -2.59 -11.35
C LEU A 478 10.43 -2.85 -12.68
N LYS A 479 11.19 -3.42 -13.58
CA LYS A 479 10.76 -3.62 -14.92
C LYS A 479 10.13 -5.02 -14.99
N ALA A 480 9.53 -5.64 -14.00
CA ALA A 480 9.07 -6.98 -14.19
C ALA A 480 7.55 -6.95 -14.23
N ARG A 481 7.20 -6.28 -15.31
CA ARG A 481 5.81 -5.96 -15.61
C ARG A 481 5.37 -7.02 -16.58
N THR A 482 4.77 -8.11 -16.13
CA THR A 482 4.48 -9.19 -17.07
C THR A 482 3.04 -9.26 -17.59
N VAL A 483 2.84 -9.98 -18.73
CA VAL A 483 1.52 -10.36 -19.22
C VAL A 483 1.79 -11.85 -19.47
N GLY A 484 1.09 -12.67 -18.68
CA GLY A 484 1.36 -14.11 -18.72
C GLY A 484 0.60 -14.76 -19.85
N VAL A 485 0.91 -16.02 -20.25
CA VAL A 485 0.21 -16.62 -21.37
C VAL A 485 -1.16 -17.04 -20.87
N PRO A 486 -2.18 -17.13 -21.72
CA PRO A 486 -3.54 -17.49 -21.29
C PRO A 486 -3.55 -18.84 -20.60
N ASN A 487 -4.34 -19.24 -19.59
CA ASN A 487 -4.04 -20.57 -19.15
C ASN A 487 -5.26 -21.33 -19.45
N ASP A 488 -4.78 -22.54 -19.33
CA ASP A 488 -5.35 -23.69 -19.85
C ASP A 488 -6.63 -24.05 -19.13
N VAL A 489 -7.79 -23.58 -19.63
CA VAL A 489 -9.00 -23.75 -18.88
C VAL A 489 -9.35 -25.24 -18.82
N LEU A 490 -8.87 -26.09 -19.73
CA LEU A 490 -9.21 -27.46 -19.59
C LEU A 490 -8.38 -28.15 -18.52
N TYR A 491 -7.11 -27.79 -18.36
CA TYR A 491 -6.27 -28.42 -17.39
C TYR A 491 -6.82 -27.93 -16.06
N ASN A 492 -6.99 -26.63 -15.86
CA ASN A 492 -7.44 -26.21 -14.56
C ASN A 492 -8.90 -26.57 -14.27
N GLU A 493 -9.79 -26.72 -15.26
CA GLU A 493 -11.16 -27.12 -15.00
C GLU A 493 -11.10 -28.47 -14.36
N VAL A 494 -10.23 -29.40 -14.74
CA VAL A 494 -10.23 -30.68 -14.04
C VAL A 494 -9.25 -30.79 -12.85
N TYR A 495 -8.40 -29.85 -12.40
CA TYR A 495 -7.45 -30.16 -11.36
C TYR A 495 -8.17 -29.98 -10.03
N GLU A 496 -7.97 -30.79 -9.00
CA GLU A 496 -8.49 -30.46 -7.68
C GLU A 496 -7.30 -30.24 -6.79
N GLY A 497 -7.25 -29.18 -5.99
CA GLY A 497 -6.07 -29.02 -5.16
C GLY A 497 -6.14 -29.93 -3.91
N PRO A 498 -5.12 -29.96 -3.07
CA PRO A 498 -5.25 -30.45 -1.71
C PRO A 498 -6.35 -29.68 -0.96
N THR A 499 -6.83 -30.34 0.09
CA THR A 499 -7.84 -29.83 1.00
C THR A 499 -7.34 -29.69 2.45
N LEU A 500 -7.94 -28.93 3.35
CA LEU A 500 -7.52 -28.88 4.77
C LEU A 500 -8.31 -29.93 5.57
N THR A 501 -8.02 -30.18 6.85
CA THR A 501 -8.80 -31.16 7.60
C THR A 501 -10.16 -30.60 7.91
N GLU A 502 -11.14 -31.47 7.79
CA GLU A 502 -12.52 -31.11 8.03
C GLU A 502 -12.66 -31.18 9.56
N PHE A 503 -13.54 -30.48 10.31
CA PHE A 503 -13.61 -30.77 11.75
C PHE A 503 -14.32 -32.09 11.85
N GLU A 504 -14.28 -32.79 12.98
CA GLU A 504 -15.09 -33.96 13.20
C GLU A 504 -16.54 -33.59 12.97
N ASP A 505 -16.79 -32.32 13.32
CA ASP A 505 -18.07 -31.70 13.03
C ASP A 505 -17.89 -30.42 12.21
N ALA A 506 -18.45 -29.35 12.74
CA ALA A 506 -18.42 -28.08 12.06
C ALA A 506 -19.82 -27.53 12.31
N THR B 97 -19.63 -11.70 19.85
CA THR B 97 -20.92 -11.68 20.50
C THR B 97 -21.19 -13.15 20.76
N LYS B 98 -21.09 -13.76 21.95
CA LYS B 98 -21.55 -15.14 22.22
C LYS B 98 -21.36 -16.33 21.23
N GLU B 99 -20.37 -16.05 20.35
CA GLU B 99 -19.77 -16.92 19.34
C GLU B 99 -19.08 -18.03 20.10
N ASP B 100 -18.48 -17.65 21.22
CA ASP B 100 -17.89 -18.53 22.21
C ASP B 100 -18.65 -19.82 22.34
N ILE B 101 -19.97 -19.86 22.24
CA ILE B 101 -20.63 -21.14 22.31
C ILE B 101 -20.40 -21.91 21.02
N ALA B 102 -20.59 -21.30 19.85
CA ALA B 102 -20.40 -22.01 18.58
C ALA B 102 -18.97 -22.49 18.38
N ARG B 103 -18.13 -21.54 18.72
CA ARG B 103 -16.72 -21.72 18.73
C ARG B 103 -16.43 -22.90 19.66
N LYS B 104 -17.12 -23.02 20.81
CA LYS B 104 -16.87 -24.13 21.72
C LYS B 104 -17.40 -25.44 21.23
N GLU B 105 -18.45 -25.45 20.44
CA GLU B 105 -18.86 -26.69 19.84
C GLU B 105 -17.75 -27.02 18.84
N GLN B 106 -17.02 -26.05 18.24
CA GLN B 106 -15.94 -26.34 17.32
C GLN B 106 -14.76 -27.03 17.97
N LEU B 107 -14.18 -26.42 19.02
CA LEU B 107 -13.00 -27.04 19.58
C LEU B 107 -13.33 -28.22 20.47
N LYS B 108 -14.50 -28.23 21.10
CA LYS B 108 -14.85 -29.32 21.99
C LYS B 108 -15.43 -30.35 21.06
N SER B 109 -14.58 -31.35 21.08
CA SER B 109 -14.85 -32.59 20.40
C SER B 109 -15.09 -32.44 18.93
N LEU B 110 -14.99 -31.26 18.28
CA LEU B 110 -14.98 -31.44 16.87
C LEU B 110 -13.55 -31.31 16.38
N LEU B 111 -12.50 -30.72 17.00
CA LEU B 111 -11.14 -30.82 16.46
C LEU B 111 -10.82 -32.29 16.13
N PRO B 112 -10.20 -32.62 14.98
CA PRO B 112 -9.84 -33.99 14.62
C PRO B 112 -8.75 -34.57 15.53
N PRO B 113 -8.51 -35.87 15.70
CA PRO B 113 -7.48 -36.39 16.57
C PRO B 113 -6.11 -35.98 16.06
N LEU B 114 -5.14 -35.51 16.84
CA LEU B 114 -3.81 -35.16 16.34
C LEU B 114 -3.20 -36.09 15.30
N ASP B 115 -3.57 -37.36 15.35
CA ASP B 115 -3.10 -38.34 14.37
C ASP B 115 -3.63 -38.10 12.95
N ASN B 116 -4.50 -37.13 12.76
CA ASN B 116 -5.01 -36.83 11.45
C ASN B 116 -4.47 -35.51 10.99
N ILE B 117 -3.55 -34.86 11.66
CA ILE B 117 -3.08 -33.60 11.16
C ILE B 117 -1.94 -33.94 10.22
N ILE B 118 -2.15 -33.68 8.95
CA ILE B 118 -1.17 -33.96 7.94
C ILE B 118 -0.15 -32.87 7.82
N ASN B 119 -0.49 -31.57 7.86
CA ASN B 119 0.57 -30.62 7.60
C ASN B 119 0.37 -29.34 8.36
N LEU B 120 1.39 -28.45 8.49
CA LEU B 120 1.28 -27.25 9.31
C LEU B 120 0.12 -26.34 8.91
N TYR B 121 -0.40 -26.40 7.66
CA TYR B 121 -1.61 -25.61 7.37
C TYR B 121 -2.87 -26.12 8.08
N ASP B 122 -3.00 -27.43 8.46
CA ASP B 122 -4.21 -27.94 9.08
C ASP B 122 -4.33 -27.28 10.48
N PHE B 123 -3.17 -27.06 11.16
CA PHE B 123 -3.17 -26.42 12.46
C PHE B 123 -3.69 -25.02 12.28
N GLU B 124 -3.30 -24.41 11.19
CA GLU B 124 -3.76 -23.07 10.90
C GLU B 124 -5.23 -23.06 10.49
N TYR B 125 -5.78 -24.01 9.74
CA TYR B 125 -7.17 -23.84 9.37
C TYR B 125 -7.94 -23.98 10.66
N LEU B 126 -7.71 -25.03 11.47
CA LEU B 126 -8.43 -25.26 12.73
C LEU B 126 -8.29 -24.05 13.73
N ALA B 127 -7.09 -23.49 13.91
CA ALA B 127 -6.99 -22.32 14.81
C ALA B 127 -7.79 -21.16 14.23
N SER B 128 -8.06 -20.96 12.94
CA SER B 128 -8.79 -19.78 12.54
C SER B 128 -10.29 -19.91 12.88
N GLN B 129 -10.77 -21.15 12.94
CA GLN B 129 -12.15 -21.39 13.29
C GLN B 129 -12.44 -21.34 14.81
N THR B 130 -11.46 -21.62 15.71
CA THR B 130 -11.78 -21.69 17.12
C THR B 130 -11.12 -20.57 17.90
N LEU B 131 -9.87 -20.08 17.68
CA LEU B 131 -9.29 -19.00 18.49
C LEU B 131 -10.23 -17.83 18.67
N THR B 132 -10.06 -17.06 19.73
CA THR B 132 -10.92 -15.90 19.87
C THR B 132 -10.51 -14.91 18.81
N LYS B 133 -11.48 -14.12 18.33
CA LYS B 133 -11.23 -13.07 17.36
C LYS B 133 -9.98 -12.28 17.68
N GLN B 134 -9.74 -11.92 18.95
CA GLN B 134 -8.57 -11.11 19.17
C GLN B 134 -7.32 -11.93 19.23
N ALA B 135 -7.41 -13.24 19.49
CA ALA B 135 -6.21 -14.05 19.37
C ALA B 135 -5.81 -14.15 17.90
N TRP B 136 -6.82 -14.57 17.13
CA TRP B 136 -6.68 -14.73 15.70
C TRP B 136 -6.14 -13.47 15.05
N ALA B 137 -6.69 -12.31 15.40
CA ALA B 137 -6.28 -11.06 14.79
C ALA B 137 -4.84 -10.83 15.16
N TYR B 138 -4.48 -11.04 16.42
CA TYR B 138 -3.15 -10.71 16.81
C TYR B 138 -2.18 -11.73 16.29
N TYR B 139 -2.50 -13.03 16.05
CA TYR B 139 -1.46 -13.99 15.64
C TYR B 139 -1.19 -13.97 14.14
N SER B 140 -2.28 -13.88 13.37
CA SER B 140 -2.22 -13.85 11.93
C SER B 140 -1.85 -12.50 11.24
N SER B 141 -2.13 -11.34 11.86
CA SER B 141 -1.82 -10.01 11.36
C SER B 141 -0.50 -9.83 10.67
N GLY B 142 -0.42 -8.80 9.80
CA GLY B 142 0.84 -8.45 9.17
C GLY B 142 0.94 -6.93 9.18
N ALA B 143 2.02 -6.24 8.82
CA ALA B 143 1.86 -4.82 8.68
C ALA B 143 1.15 -4.48 7.40
N ASN B 144 0.20 -3.58 7.53
CA ASN B 144 -0.57 -2.95 6.46
C ASN B 144 -1.12 -3.90 5.44
N ASP B 145 -0.51 -4.04 4.26
CA ASP B 145 -1.16 -4.84 3.25
C ASP B 145 -0.78 -6.28 3.26
N GLU B 146 0.10 -6.62 4.19
CA GLU B 146 0.57 -7.96 4.36
C GLU B 146 1.21 -8.41 3.06
N VAL B 147 1.77 -7.58 2.17
CA VAL B 147 2.38 -8.24 1.04
C VAL B 147 3.67 -8.85 1.57
N THR B 148 4.48 -8.34 2.57
CA THR B 148 5.77 -8.93 3.01
C THR B 148 5.53 -10.26 3.73
N HIS B 149 4.50 -10.28 4.57
CA HIS B 149 4.07 -11.44 5.27
C HIS B 149 3.88 -12.57 4.28
N ARG B 150 3.20 -12.35 3.13
CA ARG B 150 2.96 -13.42 2.16
C ARG B 150 4.18 -13.59 1.27
N GLU B 151 4.83 -12.56 0.80
CA GLU B 151 5.98 -12.67 -0.07
C GLU B 151 7.08 -13.56 0.51
N ASN B 152 7.16 -13.53 1.86
CA ASN B 152 8.05 -14.38 2.67
C ASN B 152 7.89 -15.84 2.33
N HIS B 153 6.63 -16.33 2.30
CA HIS B 153 6.36 -17.73 1.94
C HIS B 153 6.62 -17.93 0.44
N ASN B 154 5.95 -17.10 -0.36
CA ASN B 154 6.01 -17.24 -1.78
C ASN B 154 7.39 -17.14 -2.31
N ALA B 155 8.36 -16.46 -1.70
CA ALA B 155 9.67 -16.36 -2.31
C ALA B 155 10.33 -17.71 -2.29
N TYR B 156 9.89 -18.64 -1.41
CA TYR B 156 10.38 -20.02 -1.43
C TYR B 156 10.00 -20.68 -2.73
N HIS B 157 8.95 -20.23 -3.39
CA HIS B 157 8.45 -20.88 -4.56
C HIS B 157 9.17 -20.44 -5.80
N ARG B 158 10.00 -19.43 -5.67
CA ARG B 158 10.85 -19.07 -6.79
C ARG B 158 12.05 -20.03 -6.84
N ILE B 159 12.24 -21.12 -6.06
CA ILE B 159 13.52 -21.85 -6.01
C ILE B 159 13.18 -23.31 -6.11
N PHE B 160 13.84 -24.03 -7.04
CA PHE B 160 13.47 -25.40 -7.31
C PHE B 160 14.76 -26.19 -7.14
N PHE B 161 14.61 -27.45 -6.79
CA PHE B 161 15.69 -28.31 -6.41
C PHE B 161 16.32 -28.97 -7.58
N LYS B 162 17.56 -29.46 -7.55
CA LYS B 162 18.12 -30.27 -8.62
C LYS B 162 18.59 -31.56 -7.94
N PRO B 163 17.72 -32.55 -7.70
CA PRO B 163 18.04 -33.71 -6.87
C PRO B 163 19.09 -34.62 -7.46
N LYS B 164 19.67 -35.50 -6.66
CA LYS B 164 20.59 -36.55 -7.12
C LYS B 164 19.91 -37.88 -6.85
N ILE B 165 19.96 -38.66 -7.91
CA ILE B 165 19.43 -39.99 -7.86
C ILE B 165 20.62 -40.93 -7.68
N LEU B 166 20.31 -42.17 -7.26
CA LEU B 166 21.28 -43.27 -7.11
C LEU B 166 22.38 -42.95 -6.13
N VAL B 167 21.92 -42.32 -5.03
CA VAL B 167 22.71 -41.99 -3.87
C VAL B 167 22.17 -42.84 -2.75
N ASP B 168 23.02 -43.56 -2.03
CA ASP B 168 22.47 -44.35 -0.91
C ASP B 168 22.01 -43.35 0.14
N VAL B 169 20.73 -43.44 0.39
CA VAL B 169 20.10 -42.57 1.36
C VAL B 169 19.24 -43.41 2.30
N ARG B 170 19.70 -44.58 2.74
CA ARG B 170 18.97 -45.41 3.67
C ARG B 170 18.97 -44.70 4.99
N LYS B 171 20.06 -43.97 5.30
CA LYS B 171 20.27 -43.26 6.57
C LYS B 171 20.38 -41.79 6.32
N VAL B 172 19.63 -40.95 7.00
CA VAL B 172 19.74 -39.51 6.81
C VAL B 172 19.80 -38.98 8.24
N ASP B 173 20.66 -37.98 8.47
CA ASP B 173 20.80 -37.43 9.78
C ASP B 173 20.53 -35.94 9.61
N ILE B 174 19.50 -35.39 10.29
CA ILE B 174 19.17 -33.97 10.17
C ILE B 174 19.57 -33.08 11.36
N SER B 175 20.50 -33.45 12.25
CA SER B 175 20.82 -32.62 13.41
C SER B 175 21.87 -31.60 13.02
N THR B 176 22.01 -30.53 13.70
CA THR B 176 23.01 -29.56 13.35
C THR B 176 23.16 -28.98 14.74
N ASP B 177 24.05 -28.01 14.80
CA ASP B 177 24.29 -27.37 16.06
C ASP B 177 23.98 -25.95 15.76
N MET B 178 23.41 -25.32 16.74
CA MET B 178 23.15 -23.93 16.53
C MET B 178 23.78 -23.31 17.74
N LEU B 179 24.68 -22.37 17.45
CA LEU B 179 25.20 -21.42 18.49
C LEU B 179 25.79 -22.14 19.71
N GLY B 180 26.70 -23.02 19.32
CA GLY B 180 27.42 -23.78 20.28
C GLY B 180 26.74 -25.10 20.55
N SER B 181 25.58 -25.20 21.14
CA SER B 181 25.04 -26.53 21.39
C SER B 181 24.60 -27.37 20.18
N HIS B 182 24.58 -28.69 20.31
CA HIS B 182 24.14 -29.59 19.26
C HIS B 182 22.66 -29.80 19.43
N VAL B 183 21.91 -29.65 18.35
CA VAL B 183 20.46 -29.59 18.28
C VAL B 183 19.96 -30.78 17.47
N ASP B 184 18.82 -31.34 17.86
CA ASP B 184 18.19 -32.42 17.14
C ASP B 184 17.82 -32.30 15.69
N VAL B 185 17.24 -31.15 15.28
CA VAL B 185 16.67 -30.82 13.96
C VAL B 185 17.04 -29.39 13.62
N PRO B 186 17.07 -28.86 12.37
CA PRO B 186 17.65 -27.56 12.01
C PRO B 186 16.64 -26.41 12.06
N PHE B 187 15.56 -26.54 12.80
CA PHE B 187 14.59 -25.47 12.94
C PHE B 187 14.32 -25.15 14.42
N TYR B 188 13.50 -24.16 14.79
CA TYR B 188 13.32 -23.83 16.19
C TYR B 188 12.01 -23.14 16.42
N VAL B 189 11.34 -23.11 17.56
CA VAL B 189 10.18 -22.25 17.72
C VAL B 189 10.80 -20.86 17.88
N SER B 190 10.30 -19.81 17.21
CA SER B 190 10.81 -18.46 17.26
C SER B 190 9.87 -17.80 18.23
N ALA B 191 10.10 -16.55 18.63
CA ALA B 191 9.36 -16.00 19.76
C ALA B 191 8.07 -15.26 19.52
N THR B 192 7.05 -15.70 20.17
CA THR B 192 5.73 -15.16 20.00
C THR B 192 5.28 -14.40 21.22
N ALA B 193 5.10 -13.08 21.18
CA ALA B 193 4.49 -12.42 22.33
C ALA B 193 3.10 -12.98 22.70
N LEU B 194 2.66 -12.82 23.93
CA LEU B 194 1.37 -13.24 24.40
C LEU B 194 0.77 -14.61 24.07
N CYS B 195 1.54 -15.74 24.08
CA CYS B 195 0.95 -17.07 23.86
C CYS B 195 -0.26 -17.50 24.66
N LYS B 196 -0.70 -16.72 25.66
CA LYS B 196 -1.84 -17.11 26.46
C LYS B 196 -3.10 -16.68 25.78
N LEU B 197 -3.13 -15.82 24.76
CA LEU B 197 -4.39 -15.48 24.10
C LEU B 197 -5.00 -16.71 23.43
N GLY B 198 -4.15 -17.61 22.96
CA GLY B 198 -4.68 -18.79 22.33
C GLY B 198 -4.72 -19.97 23.27
N ASN B 199 -3.69 -20.11 24.12
CA ASN B 199 -3.66 -21.17 25.12
C ASN B 199 -3.58 -20.51 26.49
N PRO B 200 -4.76 -20.16 27.00
CA PRO B 200 -4.89 -19.30 28.15
C PRO B 200 -4.34 -19.97 29.41
N LEU B 201 -4.73 -21.25 29.59
CA LEU B 201 -4.32 -22.04 30.75
C LEU B 201 -2.83 -22.35 30.79
N GLU B 202 -2.10 -22.58 29.71
CA GLU B 202 -0.72 -22.95 29.85
C GLU B 202 0.30 -22.08 29.18
N GLY B 203 -0.12 -21.09 28.39
CA GLY B 203 0.79 -20.11 27.76
C GLY B 203 2.07 -20.65 27.13
N GLU B 204 3.21 -19.99 27.30
CA GLU B 204 4.40 -20.48 26.62
C GLU B 204 5.07 -21.62 27.37
N LYS B 205 4.30 -22.22 28.30
CA LYS B 205 4.83 -23.34 29.06
C LYS B 205 4.61 -24.59 28.25
N ASP B 206 3.39 -24.74 27.72
CA ASP B 206 3.09 -25.83 26.82
C ASP B 206 4.00 -25.89 25.59
N VAL B 207 4.51 -24.75 25.11
CA VAL B 207 5.45 -24.79 23.99
C VAL B 207 6.71 -25.44 24.50
N ALA B 208 7.14 -25.04 25.72
CA ALA B 208 8.35 -25.54 26.39
C ALA B 208 8.24 -27.02 26.67
N ARG B 209 7.06 -27.46 27.05
CA ARG B 209 6.82 -28.87 27.22
C ARG B 209 6.93 -29.53 25.85
N GLY B 210 6.26 -29.01 24.82
CA GLY B 210 6.28 -29.56 23.49
C GLY B 210 7.69 -29.63 22.92
N CYS B 211 8.57 -28.67 23.13
CA CYS B 211 9.85 -28.82 22.51
C CYS B 211 10.71 -29.86 23.13
N GLY B 212 10.44 -30.33 24.36
CA GLY B 212 11.24 -31.39 24.97
C GLY B 212 10.47 -32.67 25.34
N GLN B 213 9.15 -32.76 25.26
CA GLN B 213 8.51 -33.98 25.65
C GLN B 213 8.65 -35.18 24.73
N GLY B 214 8.99 -35.01 23.47
CA GLY B 214 9.06 -36.14 22.56
C GLY B 214 10.53 -36.45 22.32
N VAL B 215 10.77 -37.27 21.28
CA VAL B 215 12.12 -37.68 20.91
C VAL B 215 12.95 -36.45 20.51
N THR B 216 12.30 -35.63 19.71
CA THR B 216 12.96 -34.47 19.20
C THR B 216 12.70 -33.37 20.20
N LYS B 217 13.81 -32.74 20.41
CA LYS B 217 13.92 -31.66 21.32
C LYS B 217 14.32 -30.56 20.35
N VAL B 218 13.49 -29.54 20.25
CA VAL B 218 13.71 -28.36 19.37
C VAL B 218 13.98 -27.13 20.23
N PRO B 219 14.85 -26.18 19.90
CA PRO B 219 14.98 -24.92 20.63
C PRO B 219 13.74 -24.04 20.80
N GLN B 220 13.70 -23.14 21.79
CA GLN B 220 12.53 -22.33 22.02
C GLN B 220 13.00 -20.97 22.42
N MET B 221 12.67 -19.96 21.63
CA MET B 221 13.01 -18.58 21.92
C MET B 221 11.88 -18.06 22.76
N ILE B 222 12.25 -17.51 23.93
CA ILE B 222 11.28 -17.02 24.90
C ILE B 222 11.28 -15.53 24.66
N SER B 223 10.06 -15.04 24.56
CA SER B 223 9.81 -13.64 24.22
C SER B 223 9.84 -12.71 25.40
N THR B 224 10.51 -11.56 25.28
CA THR B 224 10.44 -10.52 26.29
C THR B 224 8.97 -10.21 26.61
N LEU B 225 7.98 -10.45 25.77
CA LEU B 225 6.63 -10.05 26.11
C LEU B 225 5.77 -11.27 26.10
N ALA B 226 6.39 -12.36 26.56
CA ALA B 226 5.73 -13.65 26.65
C ALA B 226 4.68 -13.60 27.74
N SER B 227 3.44 -14.13 27.69
CA SER B 227 2.58 -13.95 28.87
C SER B 227 2.76 -14.96 30.04
N CYS B 228 3.98 -15.33 30.42
CA CYS B 228 4.29 -16.28 31.49
C CYS B 228 5.73 -15.87 31.77
N SER B 229 6.20 -15.86 33.02
CA SER B 229 7.54 -15.43 33.35
C SER B 229 8.65 -16.40 32.94
N PRO B 230 9.92 -15.98 32.71
CA PRO B 230 11.00 -16.81 32.19
C PRO B 230 11.17 -18.00 33.10
N GLU B 231 11.05 -17.56 34.36
CA GLU B 231 11.05 -18.40 35.55
C GLU B 231 10.21 -19.65 35.27
N GLU B 232 8.92 -19.43 35.05
CA GLU B 232 8.00 -20.53 34.88
C GLU B 232 8.30 -21.39 33.67
N ILE B 233 8.41 -20.72 32.52
CA ILE B 233 8.64 -21.33 31.20
C ILE B 233 9.86 -22.24 31.30
N ILE B 234 10.97 -21.78 31.87
CA ILE B 234 12.14 -22.64 31.94
C ILE B 234 11.84 -23.79 32.89
N GLU B 235 11.01 -23.54 33.89
CA GLU B 235 10.69 -24.63 34.79
C GLU B 235 9.74 -25.65 34.23
N ALA B 236 8.94 -25.29 33.19
CA ALA B 236 8.00 -26.23 32.55
C ALA B 236 8.74 -27.22 31.68
N ALA B 237 9.84 -26.68 31.17
CA ALA B 237 10.71 -27.32 30.24
C ALA B 237 11.21 -28.70 30.59
N PRO B 238 10.56 -29.79 30.18
CA PRO B 238 10.82 -31.18 30.57
C PRO B 238 12.19 -31.82 30.50
N SER B 239 13.27 -31.28 29.90
CA SER B 239 14.38 -32.17 29.62
C SER B 239 15.83 -31.75 29.30
N ASP B 240 16.55 -31.21 30.29
CA ASP B 240 17.98 -30.82 30.32
C ASP B 240 18.72 -30.43 29.04
N LYS B 241 18.73 -31.42 28.15
CA LYS B 241 19.25 -31.28 26.79
C LYS B 241 18.39 -30.34 25.95
N GLN B 242 17.07 -30.18 26.21
CA GLN B 242 16.27 -29.30 25.39
C GLN B 242 16.74 -27.90 25.64
N ILE B 243 17.17 -27.12 24.61
CA ILE B 243 17.77 -25.81 24.89
C ILE B 243 16.76 -24.67 24.76
N GLN B 244 17.03 -23.43 25.14
CA GLN B 244 16.02 -22.35 25.24
C GLN B 244 16.78 -21.05 25.11
N TRP B 245 16.25 -20.01 24.46
CA TRP B 245 17.01 -18.78 24.32
C TRP B 245 16.16 -17.63 24.75
N TYR B 246 16.72 -16.49 25.17
CA TYR B 246 15.79 -15.42 25.53
C TYR B 246 15.97 -14.50 24.34
N GLN B 247 14.84 -13.91 23.92
CA GLN B 247 14.95 -12.74 23.04
C GLN B 247 14.50 -11.55 23.92
N LEU B 248 15.23 -10.49 23.67
CA LEU B 248 15.23 -9.30 24.47
C LEU B 248 14.60 -8.13 23.77
N TYR B 249 13.69 -7.36 24.36
CA TYR B 249 13.34 -6.10 23.73
C TYR B 249 13.99 -5.12 24.67
N VAL B 250 15.19 -4.56 24.38
CA VAL B 250 15.73 -3.61 25.34
C VAL B 250 14.77 -2.44 25.57
N ASN B 251 14.67 -2.16 26.86
CA ASN B 251 13.80 -1.13 27.37
C ASN B 251 14.50 0.20 27.29
N SER B 252 13.65 1.22 27.31
CA SER B 252 14.15 2.58 27.47
C SER B 252 14.76 2.63 28.87
N ASP B 253 14.04 2.07 29.87
CA ASP B 253 14.68 2.00 31.18
C ASP B 253 15.63 0.83 31.25
N ARG B 254 16.86 1.17 30.86
CA ARG B 254 17.93 0.21 30.71
C ARG B 254 18.21 -0.61 31.96
N LYS B 255 17.82 -0.05 33.11
CA LYS B 255 17.87 -0.75 34.39
C LYS B 255 17.10 -2.07 34.26
N ILE B 256 15.85 -1.99 33.77
CA ILE B 256 15.02 -3.15 33.67
C ILE B 256 15.62 -4.20 32.79
N THR B 257 16.26 -3.77 31.73
CA THR B 257 16.90 -4.72 30.84
C THR B 257 18.05 -5.35 31.55
N ASP B 258 19.01 -4.59 32.07
CA ASP B 258 20.17 -5.19 32.70
C ASP B 258 19.91 -6.22 33.78
N ASP B 259 18.89 -5.94 34.59
CA ASP B 259 18.44 -6.89 35.58
C ASP B 259 17.95 -8.12 34.83
N LEU B 260 17.05 -7.94 33.87
CA LEU B 260 16.51 -9.04 33.09
C LEU B 260 17.59 -9.86 32.39
N VAL B 261 18.65 -9.26 31.85
CA VAL B 261 19.65 -10.07 31.18
C VAL B 261 20.24 -11.00 32.22
N LYS B 262 20.66 -10.37 33.33
CA LYS B 262 21.30 -11.06 34.44
C LYS B 262 20.38 -12.17 34.98
N ASN B 263 19.08 -11.92 35.14
CA ASN B 263 18.21 -12.93 35.70
C ASN B 263 18.03 -14.10 34.75
N VAL B 264 18.08 -13.88 33.42
CA VAL B 264 17.89 -15.05 32.55
C VAL B 264 19.21 -15.77 32.45
N GLU B 265 20.38 -15.10 32.52
CA GLU B 265 21.64 -15.84 32.48
C GLU B 265 21.71 -16.78 33.71
N LYS B 266 21.20 -16.30 34.85
CA LYS B 266 21.06 -17.07 36.07
C LYS B 266 20.23 -18.29 35.71
N LEU B 267 19.10 -18.08 35.07
CA LEU B 267 18.21 -19.17 34.69
C LEU B 267 18.67 -20.13 33.59
N GLY B 268 19.91 -19.95 33.11
CA GLY B 268 20.50 -20.88 32.16
C GLY B 268 20.01 -20.77 30.72
N VAL B 269 19.27 -19.70 30.30
CA VAL B 269 18.98 -19.52 28.88
C VAL B 269 20.31 -19.59 28.11
N LYS B 270 20.23 -20.07 26.87
CA LYS B 270 21.46 -20.36 26.20
C LYS B 270 21.95 -19.35 25.21
N ALA B 271 21.18 -18.29 24.95
CA ALA B 271 21.69 -17.16 24.17
C ALA B 271 20.75 -15.98 24.18
N LEU B 272 21.25 -14.87 23.70
CA LEU B 272 20.45 -13.66 23.68
C LEU B 272 20.11 -13.25 22.28
N PHE B 273 18.81 -13.16 21.99
CA PHE B 273 18.39 -12.67 20.67
C PHE B 273 17.88 -11.29 20.96
N VAL B 274 18.51 -10.24 20.46
CA VAL B 274 18.04 -8.87 20.72
C VAL B 274 17.21 -8.56 19.48
N THR B 275 15.89 -8.34 19.47
CA THR B 275 15.12 -7.97 18.31
C THR B 275 15.30 -6.50 17.94
N VAL B 276 15.85 -6.14 16.79
CA VAL B 276 16.07 -4.76 16.38
C VAL B 276 15.23 -4.20 15.21
N ASP B 277 14.32 -5.06 14.71
CA ASP B 277 13.43 -4.65 13.61
C ASP B 277 12.13 -4.04 14.14
N ALA B 278 12.06 -3.77 15.47
CA ALA B 278 10.82 -3.25 15.96
C ALA B 278 10.92 -2.00 16.80
N PRO B 279 11.54 -0.89 16.37
CA PRO B 279 11.67 0.27 17.26
C PRO B 279 10.33 0.91 17.43
N SER B 280 9.34 0.59 16.59
CA SER B 280 7.96 1.00 16.81
C SER B 280 7.22 -0.23 16.41
N LEU B 281 5.99 -0.27 16.86
CA LEU B 281 5.16 -1.46 16.74
C LEU B 281 4.45 -1.25 15.41
N GLY B 282 4.89 -1.89 14.34
CA GLY B 282 4.18 -1.83 13.05
C GLY B 282 2.64 -1.99 13.16
N GLN B 283 1.98 -1.29 12.21
CA GLN B 283 0.54 -1.16 12.15
C GLN B 283 -0.14 -2.46 11.75
N ARG B 284 -0.97 -3.08 12.59
CA ARG B 284 -1.54 -4.34 12.17
C ARG B 284 -3.01 -4.17 12.26
N GLU B 285 -3.47 -3.73 11.13
CA GLU B 285 -4.82 -3.22 11.04
C GLU B 285 -5.90 -4.23 11.35
N LYS B 286 -5.63 -5.55 11.39
CA LYS B 286 -6.67 -6.51 11.73
C LYS B 286 -6.93 -6.36 13.21
N ASP B 287 -5.87 -6.12 13.99
CA ASP B 287 -6.00 -5.83 15.41
C ASP B 287 -6.83 -4.57 15.57
N MET B 288 -6.28 -3.51 14.97
CA MET B 288 -6.86 -2.19 15.05
C MET B 288 -8.34 -2.25 14.84
N LYS B 289 -8.71 -2.89 13.73
CA LYS B 289 -10.07 -3.01 13.27
C LYS B 289 -10.90 -3.59 14.38
N LEU B 290 -10.52 -4.71 14.97
CA LEU B 290 -11.33 -5.29 16.03
C LEU B 290 -11.16 -4.56 17.38
N LYS B 291 -10.12 -3.79 17.59
CA LYS B 291 -10.00 -3.02 18.81
C LYS B 291 -10.97 -1.83 18.74
N PHE B 292 -11.83 -1.71 17.72
CA PHE B 292 -12.94 -0.75 17.66
C PHE B 292 -14.11 -1.69 17.81
N SER B 293 -14.90 -1.36 18.81
CA SER B 293 -16.16 -2.04 18.98
C SER B 293 -17.23 -1.24 18.23
N ASN B 294 -18.41 -1.56 18.40
N SER B 318 7.25 2.34 21.98
CA SER B 318 6.47 2.37 23.21
C SER B 318 7.57 2.28 24.27
N LYS B 319 7.39 2.75 25.51
CA LYS B 319 8.44 2.75 26.52
C LYS B 319 9.14 1.38 26.65
N PHE B 320 8.26 0.40 26.56
CA PHE B 320 8.58 -1.02 26.57
C PHE B 320 9.72 -1.46 25.67
N ILE B 321 9.94 -0.75 24.54
CA ILE B 321 10.96 -1.08 23.55
C ILE B 321 11.63 0.26 23.26
N ASP B 322 12.92 0.32 23.22
CA ASP B 322 13.59 1.58 23.02
C ASP B 322 13.91 1.90 21.57
N PRO B 323 13.25 2.87 20.94
CA PRO B 323 13.48 3.30 19.58
C PRO B 323 14.82 3.96 19.43
N SER B 324 15.58 4.11 20.51
CA SER B 324 16.92 4.67 20.35
C SER B 324 18.01 3.65 20.14
N LEU B 325 17.77 2.32 20.22
CA LEU B 325 18.82 1.35 20.07
C LEU B 325 19.88 1.53 18.98
N THR B 326 21.12 1.16 19.17
CA THR B 326 22.18 1.44 18.23
C THR B 326 23.27 0.42 18.29
N TRP B 327 24.16 0.27 17.29
CA TRP B 327 25.21 -0.75 17.36
C TRP B 327 26.08 -0.57 18.58
N LYS B 328 26.33 0.65 19.07
CA LYS B 328 27.06 0.83 20.33
C LYS B 328 26.38 0.12 21.50
N ASP B 329 25.07 0.27 21.67
CA ASP B 329 24.38 -0.42 22.73
C ASP B 329 24.55 -1.91 22.56
N ILE B 330 24.71 -2.43 21.35
CA ILE B 330 24.94 -3.86 21.20
C ILE B 330 26.36 -4.04 21.74
N GLU B 331 27.41 -3.35 21.24
CA GLU B 331 28.77 -3.39 21.82
C GLU B 331 28.85 -3.38 23.36
N GLU B 332 28.15 -2.47 24.06
CA GLU B 332 28.13 -2.49 25.49
C GLU B 332 27.41 -3.76 25.90
N LEU B 333 26.28 -4.19 25.32
CA LEU B 333 25.55 -5.34 25.83
C LEU B 333 26.42 -6.56 25.72
N LYS B 334 27.37 -6.55 24.80
CA LYS B 334 28.33 -7.63 24.72
C LYS B 334 29.05 -7.72 26.06
N LYS B 335 29.66 -6.61 26.52
CA LYS B 335 30.46 -6.58 27.75
C LYS B 335 29.62 -6.88 28.96
N LYS B 336 28.34 -6.61 29.03
CA LYS B 336 27.56 -6.96 30.19
C LYS B 336 27.16 -8.41 30.22
N THR B 337 27.54 -9.30 29.28
CA THR B 337 27.11 -10.71 29.31
C THR B 337 28.03 -11.72 28.63
N LYS B 338 27.80 -12.95 29.11
CA LYS B 338 28.54 -14.12 28.66
C LYS B 338 27.76 -15.01 27.68
N LEU B 339 26.43 -14.91 27.60
CA LEU B 339 25.67 -15.69 26.64
C LEU B 339 26.08 -15.24 25.21
N PRO B 340 25.91 -15.96 24.05
CA PRO B 340 26.16 -15.42 22.69
C PRO B 340 25.02 -14.52 22.23
N ILE B 341 25.32 -13.53 21.38
CA ILE B 341 24.30 -12.56 20.98
C ILE B 341 24.07 -12.64 19.48
N VAL B 342 22.77 -12.73 19.20
CA VAL B 342 22.17 -12.82 17.89
C VAL B 342 21.29 -11.57 17.82
N ILE B 343 21.54 -10.77 16.79
CA ILE B 343 20.70 -9.64 16.44
C ILE B 343 19.48 -10.18 15.66
N LYS B 344 18.22 -10.11 16.07
CA LYS B 344 17.11 -10.67 15.30
C LYS B 344 16.44 -9.52 14.55
N GLY B 345 16.40 -9.57 13.22
CA GLY B 345 15.69 -8.53 12.49
C GLY B 345 16.53 -7.87 11.45
N VAL B 346 17.63 -8.47 10.96
CA VAL B 346 18.40 -7.89 9.85
C VAL B 346 17.73 -8.24 8.50
N GLN B 347 17.84 -7.29 7.57
CA GLN B 347 17.06 -7.19 6.34
C GLN B 347 17.92 -6.51 5.33
N ARG B 348 19.23 -6.48 5.47
CA ARG B 348 20.08 -5.81 4.49
C ARG B 348 21.39 -6.56 4.44
N THR B 349 22.22 -6.67 3.43
CA THR B 349 23.53 -7.34 3.53
C THR B 349 24.40 -6.49 4.41
N GLU B 350 24.24 -5.17 4.28
CA GLU B 350 25.12 -4.26 5.00
C GLU B 350 25.10 -4.41 6.49
N ASP B 351 23.96 -4.62 7.11
CA ASP B 351 23.97 -4.81 8.53
C ASP B 351 24.30 -6.24 8.83
N VAL B 352 24.30 -7.23 7.95
CA VAL B 352 24.85 -8.55 8.33
C VAL B 352 26.36 -8.31 8.54
N ILE B 353 27.06 -7.81 7.55
CA ILE B 353 28.47 -7.47 7.65
C ILE B 353 28.79 -6.57 8.85
N LYS B 354 27.96 -5.60 9.26
CA LYS B 354 28.17 -4.85 10.52
C LYS B 354 28.05 -5.75 11.74
N ALA B 355 27.02 -6.57 11.85
CA ALA B 355 26.88 -7.42 13.00
C ALA B 355 28.13 -8.30 13.09
N ALA B 356 28.79 -8.60 11.98
CA ALA B 356 30.04 -9.33 11.96
C ALA B 356 31.12 -8.36 12.38
N GLU B 357 31.40 -7.20 11.77
CA GLU B 357 32.41 -6.29 12.32
C GLU B 357 32.23 -6.01 13.83
N ILE B 358 31.07 -5.83 14.53
CA ILE B 358 31.16 -5.66 15.98
C ILE B 358 31.27 -7.00 16.74
N GLY B 359 31.42 -8.13 16.05
CA GLY B 359 31.56 -9.43 16.66
C GLY B 359 30.35 -10.00 17.38
N VAL B 360 29.10 -9.99 16.92
CA VAL B 360 28.11 -10.81 17.65
C VAL B 360 28.17 -12.24 17.11
N SER B 361 27.40 -13.21 17.65
CA SER B 361 27.49 -14.58 17.16
C SER B 361 26.57 -14.81 16.01
N GLY B 362 25.35 -14.32 16.18
CA GLY B 362 24.33 -14.60 15.20
C GLY B 362 23.66 -13.36 14.65
N VAL B 363 22.86 -13.67 13.61
CA VAL B 363 21.96 -12.72 13.00
C VAL B 363 20.78 -13.45 12.40
N VAL B 364 19.58 -13.08 12.77
CA VAL B 364 18.42 -13.66 12.16
C VAL B 364 17.99 -12.61 11.12
N LEU B 365 18.01 -13.09 9.89
CA LEU B 365 17.56 -12.44 8.69
C LEU B 365 16.05 -12.52 8.80
N SER B 366 15.36 -11.45 9.19
CA SER B 366 13.98 -11.58 9.47
C SER B 366 13.36 -10.21 9.37
N ASN B 367 12.05 -10.18 9.13
CA ASN B 367 11.34 -8.91 9.02
C ASN B 367 10.12 -8.99 9.96
N HIS B 368 10.32 -9.81 11.00
CA HIS B 368 9.39 -10.02 12.10
C HIS B 368 8.09 -10.69 11.65
N GLY B 369 8.09 -11.53 10.61
CA GLY B 369 6.87 -12.23 10.20
C GLY B 369 6.04 -11.24 9.42
N GLY B 370 6.63 -10.16 8.88
CA GLY B 370 5.93 -9.17 8.07
C GLY B 370 4.88 -8.41 8.81
N ARG B 371 5.21 -8.08 10.04
CA ARG B 371 4.33 -7.38 10.95
C ARG B 371 4.96 -6.02 11.16
N GLN B 372 6.14 -5.79 10.63
CA GLN B 372 6.79 -4.54 10.86
C GLN B 372 6.80 -3.73 9.56
N LEU B 373 7.80 -3.63 8.65
CA LEU B 373 7.71 -2.91 7.39
C LEU B 373 7.12 -3.71 6.25
N ASP B 374 6.00 -3.26 5.65
CA ASP B 374 5.56 -3.93 4.45
C ASP B 374 6.55 -3.57 3.35
N PHE B 375 6.75 -4.49 2.40
CA PHE B 375 7.65 -4.38 1.26
C PHE B 375 9.10 -4.54 1.68
N SER B 376 9.24 -5.17 2.85
CA SER B 376 10.51 -5.71 3.25
C SER B 376 10.64 -7.00 2.41
N ARG B 377 11.88 -7.35 2.01
CA ARG B 377 12.12 -8.53 1.19
C ARG B 377 11.94 -9.80 1.96
N ALA B 378 11.71 -10.90 1.27
CA ALA B 378 11.65 -12.13 2.02
C ALA B 378 13.07 -12.47 2.41
N PRO B 379 13.30 -12.90 3.64
CA PRO B 379 14.57 -13.41 4.13
C PRO B 379 15.33 -14.33 3.21
N ILE B 380 14.69 -15.31 2.52
CA ILE B 380 15.38 -16.24 1.62
C ILE B 380 16.01 -15.52 0.45
N GLU B 381 15.48 -14.42 -0.06
CA GLU B 381 16.09 -13.67 -1.15
C GLU B 381 17.30 -12.95 -0.54
N VAL B 382 17.14 -12.29 0.59
CA VAL B 382 18.27 -11.64 1.26
C VAL B 382 19.37 -12.65 1.67
N LEU B 383 19.06 -13.88 2.18
CA LEU B 383 20.05 -14.87 2.50
C LEU B 383 20.85 -15.15 1.23
N ALA B 384 20.23 -15.43 0.08
CA ALA B 384 20.91 -15.84 -1.14
C ALA B 384 21.82 -14.79 -1.69
N GLU B 385 21.53 -13.55 -1.32
CA GLU B 385 22.33 -12.38 -1.67
C GLU B 385 23.53 -12.17 -0.73
N THR B 386 23.29 -12.41 0.58
CA THR B 386 24.28 -12.04 1.57
C THR B 386 25.33 -13.09 1.60
N MET B 387 24.94 -14.35 1.71
CA MET B 387 25.95 -15.39 1.81
C MET B 387 27.15 -15.33 0.86
N PRO B 388 27.09 -15.08 -0.47
CA PRO B 388 28.27 -14.94 -1.31
C PRO B 388 29.11 -13.79 -0.82
N ILE B 389 28.54 -12.63 -0.49
CA ILE B 389 29.34 -11.53 0.07
C ILE B 389 30.07 -12.07 1.32
N LEU B 390 29.43 -12.67 2.33
CA LEU B 390 30.12 -13.17 3.51
C LEU B 390 31.33 -14.00 3.16
N GLU B 391 31.11 -14.98 2.30
CA GLU B 391 32.13 -15.86 1.76
C GLU B 391 33.20 -15.00 1.13
N GLN B 392 32.94 -14.05 0.25
CA GLN B 392 34.02 -13.24 -0.33
C GLN B 392 34.68 -12.33 0.71
N ARG B 393 33.98 -11.77 1.71
CA ARG B 393 34.61 -10.92 2.71
C ARG B 393 35.15 -11.90 3.76
N ASN B 394 35.22 -13.21 3.50
CA ASN B 394 35.80 -14.19 4.38
C ASN B 394 35.21 -14.42 5.77
N LEU B 395 34.16 -13.65 6.10
CA LEU B 395 33.44 -13.65 7.37
C LEU B 395 32.57 -14.86 7.63
N LYS B 396 32.19 -15.61 6.59
CA LYS B 396 31.23 -16.73 6.67
C LYS B 396 31.31 -17.66 7.85
N ASP B 397 32.49 -18.13 8.27
CA ASP B 397 32.64 -19.00 9.44
C ASP B 397 32.44 -18.32 10.82
N LYS B 398 32.62 -17.01 10.76
CA LYS B 398 32.52 -16.18 11.94
C LYS B 398 31.11 -15.81 12.35
N LEU B 399 30.05 -16.14 11.60
CA LEU B 399 28.67 -15.67 11.88
C LEU B 399 27.60 -16.73 11.79
N GLU B 400 26.76 -17.01 12.75
CA GLU B 400 25.66 -17.90 12.45
C GLU B 400 24.59 -16.99 11.86
N VAL B 401 23.95 -17.42 10.76
CA VAL B 401 22.88 -16.66 10.10
C VAL B 401 21.68 -17.56 10.12
N PHE B 402 20.64 -17.10 10.78
CA PHE B 402 19.38 -17.82 10.88
C PHE B 402 18.44 -17.06 9.89
N VAL B 403 17.21 -17.53 9.67
CA VAL B 403 16.31 -17.00 8.67
C VAL B 403 14.89 -17.39 9.17
N ASP B 404 13.85 -16.59 9.41
CA ASP B 404 12.55 -17.15 9.69
C ASP B 404 11.61 -16.47 8.69
N GLY B 405 10.30 -16.67 8.86
CA GLY B 405 9.32 -16.08 7.94
C GLY B 405 8.95 -16.98 6.75
N GLY B 406 7.62 -17.20 6.88
CA GLY B 406 6.75 -17.92 5.99
C GLY B 406 7.18 -19.33 5.68
N VAL B 407 7.91 -20.03 6.59
CA VAL B 407 8.47 -21.37 6.36
C VAL B 407 7.34 -22.28 6.79
N ARG B 408 6.82 -23.11 5.90
CA ARG B 408 5.67 -23.95 6.25
C ARG B 408 5.80 -25.41 5.93
N ARG B 409 6.84 -25.69 5.13
CA ARG B 409 7.10 -27.05 4.72
C ARG B 409 8.56 -27.43 4.88
N GLY B 410 8.87 -28.72 4.91
CA GLY B 410 10.23 -29.17 5.06
C GLY B 410 11.07 -28.72 3.88
N THR B 411 10.51 -28.64 2.68
CA THR B 411 11.34 -28.21 1.54
C THR B 411 11.65 -26.75 1.64
N ASP B 412 10.91 -25.98 2.46
CA ASP B 412 11.23 -24.57 2.63
C ASP B 412 12.50 -24.53 3.46
N VAL B 413 12.49 -25.40 4.51
CA VAL B 413 13.54 -25.47 5.53
C VAL B 413 14.82 -25.82 4.83
N LEU B 414 14.70 -26.84 4.00
CA LEU B 414 15.83 -27.34 3.25
C LEU B 414 16.34 -26.31 2.28
N LYS B 415 15.50 -25.45 1.67
CA LYS B 415 16.03 -24.50 0.69
C LYS B 415 16.84 -23.49 1.40
N ALA B 416 16.41 -23.06 2.60
CA ALA B 416 17.21 -22.09 3.36
C ALA B 416 18.50 -22.73 3.88
N LEU B 417 18.49 -23.98 4.37
CA LEU B 417 19.72 -24.65 4.76
C LEU B 417 20.66 -24.76 3.56
N CYS B 418 20.26 -25.17 2.37
CA CYS B 418 21.15 -25.22 1.22
C CYS B 418 21.89 -23.96 0.89
N LEU B 419 21.32 -22.81 1.19
CA LEU B 419 21.98 -21.58 0.84
C LEU B 419 22.94 -21.13 1.96
N GLY B 420 22.94 -21.81 3.11
CA GLY B 420 23.86 -21.40 4.18
C GLY B 420 23.28 -21.07 5.54
N ALA B 421 21.98 -21.05 5.70
CA ALA B 421 21.41 -20.70 6.97
C ALA B 421 21.74 -21.84 7.91
N LYS B 422 21.82 -21.49 9.16
CA LYS B 422 22.21 -22.45 10.16
C LYS B 422 20.96 -23.04 10.69
N GLY B 423 19.84 -22.33 10.72
CA GLY B 423 18.66 -22.88 11.36
C GLY B 423 17.54 -22.03 10.89
N VAL B 424 16.36 -22.55 10.68
CA VAL B 424 15.34 -21.65 10.16
C VAL B 424 14.31 -21.65 11.25
N GLY B 425 13.67 -20.50 11.42
CA GLY B 425 12.70 -20.42 12.48
C GLY B 425 11.29 -20.35 12.01
N LEU B 426 10.43 -20.70 12.91
CA LEU B 426 9.01 -20.65 12.67
C LEU B 426 8.25 -19.98 13.83
N GLY B 427 7.32 -19.05 13.59
CA GLY B 427 6.51 -18.45 14.62
C GLY B 427 5.11 -19.00 14.57
N ARG B 428 4.31 -18.46 13.65
CA ARG B 428 2.91 -18.85 13.60
C ARG B 428 2.50 -20.32 13.54
N PRO B 429 3.12 -21.28 12.84
CA PRO B 429 2.64 -22.68 12.81
C PRO B 429 2.67 -23.26 14.23
N PHE B 430 3.81 -23.11 14.96
CA PHE B 430 3.90 -23.63 16.34
C PHE B 430 2.86 -23.09 17.28
N LEU B 431 2.69 -21.79 17.10
CA LEU B 431 1.75 -21.01 17.85
C LEU B 431 0.37 -21.56 17.56
N TYR B 432 -0.04 -21.94 16.36
CA TYR B 432 -1.42 -22.38 16.21
C TYR B 432 -1.61 -23.85 16.62
N ALA B 433 -0.54 -24.65 16.49
CA ALA B 433 -0.50 -26.01 17.00
C ALA B 433 -0.72 -25.84 18.52
N ASN B 434 0.14 -25.13 19.22
CA ASN B 434 -0.04 -24.85 20.63
C ASN B 434 -1.42 -24.33 21.06
N SER B 435 -2.12 -23.56 20.25
CA SER B 435 -3.38 -23.00 20.67
C SER B 435 -4.49 -23.98 20.41
N CYS B 436 -4.35 -24.98 19.57
CA CYS B 436 -5.45 -25.90 19.35
C CYS B 436 -5.25 -27.19 20.11
N TYR B 437 -4.01 -27.70 20.23
CA TYR B 437 -3.78 -28.96 20.90
C TYR B 437 -2.74 -28.79 22.02
N GLY B 438 -2.50 -27.55 22.52
CA GLY B 438 -1.51 -27.25 23.53
C GLY B 438 -0.20 -27.95 23.27
N ARG B 439 0.56 -28.33 24.32
CA ARG B 439 1.88 -28.95 24.17
C ARG B 439 1.96 -30.19 23.28
N ASN B 440 0.87 -30.94 23.22
CA ASN B 440 0.89 -32.07 22.30
C ASN B 440 0.84 -31.60 20.84
N GLY B 441 0.04 -30.56 20.56
CA GLY B 441 0.01 -29.94 19.26
C GLY B 441 1.45 -29.57 18.88
N VAL B 442 2.16 -28.85 19.76
CA VAL B 442 3.53 -28.50 19.46
C VAL B 442 4.40 -29.75 19.25
N GLU B 443 4.10 -30.89 19.81
CA GLU B 443 4.97 -32.01 19.61
C GLU B 443 4.75 -32.48 18.19
N LYS B 444 3.46 -32.62 17.81
CA LYS B 444 3.05 -33.10 16.50
C LYS B 444 3.57 -32.19 15.40
N ALA B 445 3.41 -30.86 15.48
CA ALA B 445 4.01 -29.94 14.54
C ALA B 445 5.53 -30.16 14.46
N ILE B 446 6.25 -30.30 15.58
CA ILE B 446 7.69 -30.60 15.56
C ILE B 446 8.01 -31.89 14.78
N GLU B 447 7.21 -32.95 14.89
CA GLU B 447 7.53 -34.12 14.10
C GLU B 447 7.02 -34.06 12.68
N ILE B 448 5.87 -33.41 12.38
CA ILE B 448 5.38 -33.23 10.99
C ILE B 448 6.46 -32.56 10.16
N LEU B 449 6.98 -31.48 10.72
CA LEU B 449 8.06 -30.83 10.06
C LEU B 449 9.30 -31.75 10.02
N ARG B 450 9.62 -32.48 11.10
CA ARG B 450 10.82 -33.33 11.14
C ARG B 450 10.68 -34.40 10.06
N ASP B 451 9.52 -35.02 9.83
CA ASP B 451 9.44 -35.97 8.76
C ASP B 451 9.51 -35.37 7.36
N GLU B 452 9.02 -34.14 7.16
CA GLU B 452 9.12 -33.51 5.88
C GLU B 452 10.55 -33.34 5.51
N ILE B 453 11.37 -32.81 6.42
CA ILE B 453 12.79 -32.57 6.10
C ILE B 453 13.51 -33.85 5.74
N GLU B 454 13.24 -34.84 6.60
CA GLU B 454 13.87 -36.13 6.48
C GLU B 454 13.48 -36.82 5.19
N MET B 455 12.20 -36.92 4.81
CA MET B 455 11.80 -37.48 3.52
C MET B 455 12.39 -36.71 2.33
N SER B 456 12.38 -35.37 2.35
CA SER B 456 12.90 -34.62 1.25
C SER B 456 14.40 -34.72 1.03
N MET B 457 15.20 -34.93 2.09
CA MET B 457 16.65 -35.05 1.89
C MET B 457 16.89 -36.36 1.20
N ARG B 458 16.10 -37.35 1.61
CA ARG B 458 16.25 -38.67 1.11
C ARG B 458 15.99 -38.64 -0.39
N LEU B 459 14.97 -37.86 -0.74
CA LEU B 459 14.63 -37.62 -2.13
C LEU B 459 15.61 -36.64 -2.77
N LEU B 460 16.35 -35.80 -2.05
CA LEU B 460 17.30 -34.86 -2.62
C LEU B 460 18.60 -35.59 -2.87
N GLY B 461 18.88 -36.71 -2.19
CA GLY B 461 20.09 -37.50 -2.36
C GLY B 461 21.20 -36.99 -1.47
N VAL B 462 20.87 -36.38 -0.35
CA VAL B 462 21.87 -36.02 0.64
C VAL B 462 21.63 -36.70 2.00
N THR B 463 22.66 -36.88 2.86
CA THR B 463 22.42 -37.60 4.11
C THR B 463 22.66 -36.89 5.44
N SER B 464 22.91 -35.57 5.41
CA SER B 464 23.35 -34.82 6.56
C SER B 464 23.38 -33.32 6.27
N ILE B 465 22.92 -32.45 7.20
CA ILE B 465 22.78 -31.03 6.99
C ILE B 465 24.02 -30.43 6.33
N ALA B 466 25.21 -31.03 6.45
CA ALA B 466 26.38 -30.41 5.88
C ALA B 466 26.48 -30.73 4.43
N GLU B 467 25.85 -31.81 3.99
CA GLU B 467 25.73 -32.09 2.59
C GLU B 467 24.85 -31.09 1.84
N LEU B 468 23.87 -30.50 2.53
CA LEU B 468 23.04 -29.46 1.96
C LEU B 468 23.82 -28.25 1.46
N LYS B 469 24.29 -28.18 0.22
CA LYS B 469 24.96 -27.03 -0.34
C LYS B 469 24.17 -26.35 -1.47
N PRO B 470 24.52 -25.24 -2.13
CA PRO B 470 23.70 -24.51 -3.12
C PRO B 470 23.46 -25.20 -4.43
N ASP B 471 24.36 -26.12 -4.76
CA ASP B 471 24.25 -26.71 -6.06
C ASP B 471 23.19 -27.74 -6.00
N LEU B 472 22.56 -27.98 -4.86
CA LEU B 472 21.33 -28.77 -4.87
C LEU B 472 20.18 -27.87 -5.40
N LEU B 473 20.39 -26.59 -5.73
CA LEU B 473 19.35 -25.68 -6.11
C LEU B 473 19.46 -25.01 -7.50
N ASP B 474 18.30 -24.84 -8.05
CA ASP B 474 18.05 -24.02 -9.21
C ASP B 474 17.56 -22.67 -8.71
N LEU B 475 18.53 -21.80 -8.69
CA LEU B 475 18.29 -20.45 -8.28
C LEU B 475 18.13 -19.55 -9.49
N SER B 476 17.91 -20.04 -10.72
CA SER B 476 17.88 -19.18 -11.88
C SER B 476 16.67 -18.31 -11.91
N THR B 477 15.55 -18.60 -11.25
CA THR B 477 14.51 -17.64 -11.33
C THR B 477 14.21 -17.08 -9.94
N LEU B 478 15.22 -16.85 -9.10
CA LEU B 478 15.04 -16.30 -7.73
C LEU B 478 14.50 -14.85 -7.72
N LYS B 479 14.76 -14.12 -8.79
CA LYS B 479 14.40 -12.72 -8.89
C LYS B 479 13.23 -12.56 -9.83
N ALA B 480 12.41 -13.60 -10.02
CA ALA B 480 11.27 -13.51 -10.92
C ALA B 480 10.12 -13.23 -10.01
N ARG B 481 10.24 -12.07 -9.38
CA ARG B 481 9.17 -11.64 -8.46
C ARG B 481 8.42 -10.66 -9.37
N THR B 482 7.29 -10.96 -9.97
CA THR B 482 6.73 -10.05 -10.96
C THR B 482 5.46 -9.33 -10.50
N VAL B 483 5.03 -8.16 -11.03
CA VAL B 483 3.67 -7.65 -10.80
C VAL B 483 3.06 -7.63 -12.17
N GLY B 484 2.05 -8.39 -12.56
CA GLY B 484 1.62 -8.40 -13.95
C GLY B 484 0.75 -7.20 -14.26
N VAL B 485 0.71 -6.73 -15.50
CA VAL B 485 -0.21 -5.69 -15.99
C VAL B 485 -1.69 -6.02 -15.68
N PRO B 486 -2.56 -5.05 -15.35
CA PRO B 486 -3.94 -5.25 -14.94
C PRO B 486 -4.76 -6.13 -15.87
N ASN B 487 -5.54 -7.09 -15.37
CA ASN B 487 -6.30 -7.91 -16.28
C ASN B 487 -7.25 -7.04 -17.16
N ASP B 488 -7.44 -7.46 -18.39
CA ASP B 488 -8.33 -6.88 -19.36
C ASP B 488 -9.75 -7.36 -19.08
N VAL B 489 -10.52 -6.66 -18.23
CA VAL B 489 -11.86 -7.03 -17.73
C VAL B 489 -12.77 -7.51 -18.85
N LEU B 490 -12.99 -6.65 -19.85
CA LEU B 490 -13.87 -6.88 -20.97
C LEU B 490 -13.48 -8.02 -21.88
N TYR B 491 -12.23 -8.23 -22.21
CA TYR B 491 -11.88 -9.29 -23.15
C TYR B 491 -12.11 -10.61 -22.42
N ASN B 492 -11.70 -10.61 -21.17
CA ASN B 492 -11.82 -11.80 -20.42
C ASN B 492 -13.30 -12.07 -20.19
N GLU B 493 -14.08 -11.03 -19.96
CA GLU B 493 -15.47 -11.20 -19.73
C GLU B 493 -16.23 -11.66 -20.96
N VAL B 494 -15.77 -11.48 -22.21
CA VAL B 494 -16.62 -12.02 -23.28
C VAL B 494 -16.11 -13.34 -23.74
N TYR B 495 -14.91 -13.72 -23.32
CA TYR B 495 -14.30 -14.93 -23.86
C TYR B 495 -14.90 -16.13 -23.19
N GLU B 496 -15.24 -17.22 -23.87
CA GLU B 496 -15.68 -18.42 -23.17
C GLU B 496 -14.76 -19.55 -23.52
N GLY B 497 -14.32 -20.31 -22.54
CA GLY B 497 -13.28 -21.31 -22.76
C GLY B 497 -13.79 -22.55 -23.43
N PRO B 498 -13.01 -23.49 -23.91
CA PRO B 498 -13.54 -24.79 -24.24
C PRO B 498 -14.23 -25.41 -23.01
N THR B 499 -14.88 -26.55 -23.20
CA THR B 499 -15.80 -27.20 -22.27
C THR B 499 -15.47 -28.67 -22.13
N LEU B 500 -15.46 -29.35 -21.00
CA LEU B 500 -15.22 -30.79 -21.14
C LEU B 500 -16.47 -31.49 -21.71
N THR B 501 -16.33 -32.74 -22.07
CA THR B 501 -17.39 -33.56 -22.56
C THR B 501 -18.36 -33.65 -21.43
N GLU B 502 -19.50 -34.23 -21.72
CA GLU B 502 -20.60 -33.98 -20.85
C GLU B 502 -21.28 -34.95 -19.94
N PHE B 503 -21.54 -36.16 -20.45
CA PHE B 503 -22.35 -37.23 -19.81
C PHE B 503 -23.77 -37.05 -20.36
N GLU B 504 -24.34 -38.19 -20.78
CA GLU B 504 -25.70 -38.29 -21.18
C GLU B 504 -26.61 -37.84 -20.05
N ASP B 505 -27.63 -37.07 -20.47
CA ASP B 505 -28.60 -36.38 -19.60
C ASP B 505 -29.11 -37.24 -18.47
N ALA B 506 -29.62 -38.36 -18.98
CA ALA B 506 -30.18 -39.43 -18.21
C ALA B 506 -30.55 -40.50 -19.22
S SO3 C . -10.19 16.09 -14.90
O1 SO3 C . -11.63 16.39 -14.87
O2 SO3 C . -9.88 14.71 -15.44
O3 SO3 C . -9.58 17.01 -15.91
N1 FMN D . -6.10 17.07 -13.53
C2 FMN D . -6.04 18.44 -13.79
O2 FMN D . -4.98 19.04 -13.92
N3 FMN D . -7.24 19.08 -13.87
C4 FMN D . -8.42 18.46 -13.49
O4 FMN D . -9.40 19.18 -13.36
C4A FMN D . -8.34 17.02 -13.30
N5 FMN D . -9.51 16.37 -13.18
C5A FMN D . -9.56 15.16 -12.56
C6 FMN D . -10.76 14.68 -12.09
C7 FMN D . -10.76 13.56 -11.36
C7M FMN D . -11.98 13.15 -10.70
C8 FMN D . -9.63 12.82 -11.18
C8M FMN D . -9.65 11.45 -10.49
C9 FMN D . -8.44 13.27 -11.67
C9A FMN D . -8.40 14.45 -12.33
N10 FMN D . -7.21 15.06 -12.61
C10 FMN D . -7.19 16.33 -13.16
C1' FMN D . -6.08 14.33 -12.47
C2' FMN D . -5.02 14.82 -11.50
O2' FMN D . -5.30 15.89 -10.64
C3' FMN D . -4.18 13.77 -10.84
O3' FMN D . -3.17 13.50 -11.75
C4' FMN D . -4.64 12.56 -10.06
O4' FMN D . -5.95 12.18 -10.23
C5' FMN D . -3.71 11.36 -10.19
O5' FMN D . -4.34 10.09 -9.94
P FMN D . -4.91 9.49 -8.55
O1P FMN D . -4.82 8.06 -8.87
O2P FMN D . -6.25 10.06 -8.37
O3P FMN D . -3.95 9.98 -7.53
CHA HEM E . -19.64 20.81 -16.60
CHB HEM E . -19.03 25.39 -17.85
CHC HEM E . -23.60 25.56 -19.32
CHD HEM E . -24.31 21.22 -17.50
C1A HEM E . -19.07 22.03 -16.80
C2A HEM E . -17.67 22.33 -16.50
C3A HEM E . -17.50 23.64 -16.87
C4A HEM E . -18.79 24.13 -17.37
CMA HEM E . -16.23 24.46 -16.74
CAA HEM E . -16.65 21.33 -15.91
CBA HEM E . -16.40 20.06 -16.81
CGA HEM E . -15.97 18.71 -16.16
O1A HEM E . -14.82 18.57 -15.77
O2A HEM E . -16.74 17.76 -16.10
C1B HEM E . -20.23 25.84 -18.36
C2B HEM E . -20.48 27.18 -18.87
C3B HEM E . -21.78 27.22 -19.24
C4B HEM E . -22.30 25.91 -19.01
CMB HEM E . -19.51 28.33 -19.00
CAB HEM E . -22.46 28.30 -19.81
CBB HEM E . -23.75 28.79 -19.33
C1C HEM E . -24.18 24.37 -18.96
C2C HEM E . -25.57 24.13 -19.11
C3C HEM E . -25.81 22.91 -18.60
C4C HEM E . -24.53 22.45 -18.08
CMC HEM E . -26.58 25.14 -19.62
CAC HEM E . -27.06 22.35 -18.48
CBC HEM E . -27.45 21.15 -19.15
C1D HEM E . -23.09 20.71 -17.14
C2D HEM E . -22.86 19.34 -16.74
C3D HEM E . -21.53 19.23 -16.49
C4D HEM E . -20.96 20.50 -16.81
CMD HEM E . -23.92 18.25 -16.76
CAD HEM E . -20.76 18.06 -15.90
CBD HEM E . -20.17 17.06 -16.86
CGD HEM E . -20.70 15.65 -16.59
O1D HEM E . -21.83 15.31 -16.99
O2D HEM E . -20.02 14.85 -15.95
NA HEM E . -19.76 23.14 -17.31
NB HEM E . -21.37 25.07 -18.43
NC HEM E . -23.55 23.36 -18.30
ND HEM E . -21.91 21.42 -17.21
FE HEM E . -21.68 23.26 -17.77
S SO3 F . 5.55 -9.64 18.47
O1 SO3 F . 4.29 -9.38 19.18
O2 SO3 F . 5.35 -9.32 17.03
O3 SO3 F . 6.61 -8.67 18.83
N1 FMN G . 9.22 -11.28 17.37
C2 FMN G . 9.96 -10.95 18.49
O2 FMN G . 11.18 -10.88 18.36
N3 FMN G . 9.30 -10.78 19.68
C4 FMN G . 7.99 -11.10 19.84
O4 FMN G . 7.52 -11.24 20.97
C4A FMN G . 7.31 -11.35 18.58
N5 FMN G . 5.96 -11.40 18.68
C5A FMN G . 5.30 -12.13 17.73
C6 FMN G . 3.97 -12.37 17.91
C7 FMN G . 3.30 -13.15 16.99
C7M FMN G . 1.97 -13.71 17.33
C8 FMN G . 3.93 -13.55 15.83
C8M FMN G . 3.28 -14.43 14.83
C9 FMN G . 5.20 -13.20 15.62
C9A FMN G . 5.91 -12.55 16.58
N10 FMN G . 7.24 -12.32 16.37
C10 FMN G . 7.92 -11.63 17.36
C1' FMN G . 7.81 -12.67 15.18
C2' FMN G . 8.89 -13.69 15.19
O2' FMN G . 9.09 -14.53 16.32
C3' FMN G . 9.15 -14.44 13.95
O3' FMN G . 10.07 -13.70 13.18
C4' FMN G . 8.09 -15.25 13.21
O4' FMN G . 6.74 -15.02 13.46
C5' FMN G . 8.48 -15.66 11.80
O5' FMN G . 7.47 -15.67 10.82
P FMN G . 6.33 -16.74 10.70
O1P FMN G . 6.95 -18.04 10.93
O2P FMN G . 5.93 -16.49 9.30
O3P FMN G . 5.29 -16.41 11.73
#